data_6MA2
#
_entry.id   6MA2
#
_cell.length_a   98.610
_cell.length_b   98.610
_cell.length_c   365.111
_cell.angle_alpha   90.000
_cell.angle_beta   90.000
_cell.angle_gamma   120.000
#
_symmetry.space_group_name_H-M   'P 61 2 2'
#
loop_
_entity.id
_entity.type
_entity.pdbx_description
1 polymer 'UDP-N-acetylglucosamine--peptide N-acetylglucosaminyltransferase 110 kDa subunit'
2 polymer 'Host Cell Factor 1 peptide'
3 non-polymer N-[(2S)-2-(2-methoxyphenyl)-2-{[(2-oxo-1,2-dihydroquinolin-6-yl)sulfonyl]amino}acetyl]-N-[(thiophen-2-yl)methyl]glycine
4 water water
#
loop_
_entity_poly.entity_id
_entity_poly.type
_entity_poly.pdbx_seq_one_letter_code
_entity_poly.pdbx_strand_id
1 'polypeptide(L)'
;GPGSCPTHADSLNNLANIKREQGNIEEAVRLYRKALEVFPEFAAAHSNLASVLQQQGKLQEALMHYKEAIRISPTFADAY
SNMGNTLKEMQDVQGALQCYTRAIQINPAFADAHSNLASIHKDSGNIPEAIASYRTALKLKPDFPDAYCNLAHCLQIVCD
WTDYDERMKKLVSIVADQLEKNRLPSVHPHHSMLYPLSHGFRKAIAERHGNLCLDKINVLHKPPYEHPKDLKLSDGRLRV
GYVSSDFGNHPTSHLMQSIPGMHNPDKFEVFCYALSPDDGTNFRVKVMAEANHFIDLSQIPCNGKAADRIHQDGIHILVN
MNGYTKGARNELFALRPAPIQAMWLGYPGTSGALFMDYIITDQETSPAEVAEQYSEKLAYMPHTFFIGDHANMFPHLKKK
AVIDFKSNGHIYDNRIVLNGIDLKAFLDSLPDVKIVKMKCPDGGDNADSSNTALNMPVIPMNTIAEAVIEMINRGQIQIT
INGFSISNGLATTQINNKAATGEEVPRTIIVTTRSQYGLPEDAIVYCNFNQLYKIDPSTLQMWANILKRVPNSVLWLLRF
PAVGEPNIQQYAQNMGLPQNRIIFSPVAPKEEHVRRGQLADVCLDTPLCNGHTTGMDVLWAGTPMVTMPGETLASRVAAS
QLTCLGCLELIAKNRQEYEDIAVKLGTDLEYLKKVRGKVWKQRISSPLFNTKQYTMELERLYLQMWEHYAAGNKPDHMIK
PVE
;
A
2 'polypeptide(L)' THETGTTNTATTATSN B
#
loop_
_chem_comp.id
_chem_comp.type
_chem_comp.name
_chem_comp.formula
J9S non-polymer N-[(2S)-2-(2-methoxyphenyl)-2-{[(2-oxo-1,2-dihydroquinolin-6-yl)sulfonyl]amino}acetyl]-N-[(thiophen-2-yl)methyl]glycine 'C25 H23 N3 O7 S2'
#
# COMPACT_ATOMS: atom_id res chain seq x y z
N CYS A 5 16.92 51.84 0.61
CA CYS A 5 18.18 51.10 0.64
C CYS A 5 17.94 49.65 0.31
N PRO A 6 18.74 49.10 -0.60
CA PRO A 6 18.50 47.71 -1.06
C PRO A 6 18.61 46.67 0.05
N THR A 7 19.42 46.94 1.09
CA THR A 7 19.52 45.99 2.19
C THR A 7 18.16 45.78 2.88
N HIS A 8 17.22 46.72 2.73
CA HIS A 8 15.94 46.55 3.40
C HIS A 8 15.21 45.35 2.83
N ALA A 9 14.98 45.36 1.51
CA ALA A 9 14.30 44.23 0.90
C ALA A 9 15.10 42.95 1.07
N ASP A 10 16.42 43.00 0.81
CA ASP A 10 17.24 41.82 0.98
C ASP A 10 17.14 41.26 2.40
N SER A 11 17.15 42.14 3.40
N SER A 11 17.13 42.14 3.41
CA SER A 11 17.09 41.69 4.78
CA SER A 11 17.10 41.66 4.79
C SER A 11 15.77 40.99 5.09
C SER A 11 15.77 41.00 5.12
N LEU A 12 14.66 41.59 4.65
CA LEU A 12 13.36 40.95 4.86
C LEU A 12 13.31 39.57 4.23
N ASN A 13 13.80 39.46 2.99
CA ASN A 13 13.75 38.18 2.28
C ASN A 13 14.58 37.12 2.99
N ASN A 14 15.79 37.49 3.44
CA ASN A 14 16.68 36.50 4.05
C ASN A 14 16.19 36.13 5.44
N LEU A 15 15.62 37.08 6.19
CA LEU A 15 14.99 36.73 7.47
C LEU A 15 13.80 35.79 7.26
N ALA A 16 12.98 36.06 6.23
CA ALA A 16 11.87 35.16 5.92
C ALA A 16 12.36 33.74 5.64
N ASN A 17 13.44 33.61 4.85
CA ASN A 17 14.02 32.29 4.61
C ASN A 17 14.33 31.57 5.93
N ILE A 18 14.90 32.30 6.91
CA ILE A 18 15.19 31.68 8.21
C ILE A 18 13.91 31.23 8.88
N LYS A 19 12.89 32.09 8.86
CA LYS A 19 11.62 31.78 9.50
C LYS A 19 10.98 30.54 8.87
N ARG A 20 11.07 30.44 7.53
CA ARG A 20 10.58 29.26 6.86
C ARG A 20 11.29 28.01 7.37
N GLU A 21 12.63 28.03 7.41
CA GLU A 21 13.38 26.89 7.93
C GLU A 21 12.92 26.52 9.33
N GLN A 22 12.61 27.52 10.16
CA GLN A 22 12.22 27.24 11.54
C GLN A 22 10.81 26.67 11.65
N GLY A 23 10.05 26.64 10.55
CA GLY A 23 8.66 26.24 10.59
C GLY A 23 7.66 27.36 10.82
N ASN A 24 8.11 28.62 10.91
CA ASN A 24 7.20 29.74 11.14
C ASN A 24 6.75 30.30 9.78
N ILE A 25 5.88 29.51 9.14
CA ILE A 25 5.47 29.78 7.76
C ILE A 25 4.67 31.08 7.66
N GLU A 26 3.77 31.33 8.63
CA GLU A 26 2.96 32.55 8.58
C GLU A 26 3.85 33.78 8.57
N GLU A 27 4.77 33.86 9.53
CA GLU A 27 5.69 34.98 9.60
C GLU A 27 6.55 35.08 8.34
N ALA A 28 6.98 33.94 7.79
CA ALA A 28 7.72 33.95 6.54
C ALA A 28 6.90 34.61 5.42
N VAL A 29 5.63 34.23 5.28
CA VAL A 29 4.75 34.87 4.29
C VAL A 29 4.71 36.38 4.50
N ARG A 30 4.53 36.81 5.75
CA ARG A 30 4.46 38.24 6.04
C ARG A 30 5.72 38.97 5.59
N LEU A 31 6.89 38.39 5.89
CA LEU A 31 8.14 39.07 5.56
C LEU A 31 8.37 39.10 4.06
N TYR A 32 8.07 37.99 3.36
CA TYR A 32 8.16 37.99 1.91
C TYR A 32 7.30 39.08 1.30
N ARG A 33 6.07 39.22 1.78
CA ARG A 33 5.18 40.23 1.22
C ARG A 33 5.68 41.64 1.54
N LYS A 34 6.16 41.86 2.76
CA LYS A 34 6.77 43.14 3.09
C LYS A 34 7.94 43.43 2.14
N ALA A 35 8.76 42.43 1.84
CA ALA A 35 9.86 42.62 0.89
C ALA A 35 9.35 43.10 -0.46
N LEU A 36 8.23 42.53 -0.93
CA LEU A 36 7.66 42.91 -2.22
C LEU A 36 7.02 44.29 -2.19
N GLU A 37 6.56 44.74 -1.03
CA GLU A 37 6.14 46.13 -0.89
C GLU A 37 7.31 47.08 -1.06
N VAL A 38 8.45 46.74 -0.48
CA VAL A 38 9.61 47.63 -0.52
C VAL A 38 10.25 47.62 -1.90
N PHE A 39 10.33 46.44 -2.51
CA PHE A 39 11.04 46.25 -3.77
C PHE A 39 10.15 45.37 -4.65
N PRO A 40 9.22 45.99 -5.39
CA PRO A 40 8.22 45.18 -6.11
C PRO A 40 8.79 44.24 -7.17
N GLU A 41 9.86 44.60 -7.87
CA GLU A 41 10.44 43.75 -8.92
C GLU A 41 11.51 42.82 -8.34
N PHE A 42 11.19 42.18 -7.21
CA PHE A 42 12.16 41.41 -6.43
C PHE A 42 12.01 39.92 -6.77
N ALA A 43 12.80 39.45 -7.74
CA ALA A 43 12.62 38.11 -8.27
C ALA A 43 12.71 37.05 -7.17
N ALA A 44 13.78 37.08 -6.39
CA ALA A 44 13.96 36.10 -5.32
C ALA A 44 12.75 36.08 -4.37
N ALA A 45 12.22 37.26 -4.01
CA ALA A 45 11.11 37.28 -3.05
C ALA A 45 9.84 36.70 -3.64
N HIS A 46 9.58 36.97 -4.93
CA HIS A 46 8.45 36.31 -5.61
C HIS A 46 8.58 34.79 -5.52
N SER A 47 9.77 34.27 -5.81
CA SER A 47 9.94 32.82 -5.86
C SER A 47 9.91 32.21 -4.45
N ASN A 48 10.55 32.87 -3.48
CA ASN A 48 10.52 32.34 -2.11
C ASN A 48 9.10 32.38 -1.55
N LEU A 49 8.37 33.46 -1.80
CA LEU A 49 6.97 33.50 -1.40
C LEU A 49 6.18 32.36 -2.02
N ALA A 50 6.35 32.14 -3.33
CA ALA A 50 5.62 31.06 -3.98
C ALA A 50 5.92 29.73 -3.31
N SER A 51 7.16 29.53 -2.86
CA SER A 51 7.55 28.30 -2.16
C SER A 51 6.72 28.09 -0.90
N VAL A 52 6.56 29.13 -0.07
CA VAL A 52 5.79 28.91 1.15
C VAL A 52 4.29 28.84 0.84
N LEU A 53 3.83 29.55 -0.19
CA LEU A 53 2.44 29.40 -0.60
C LEU A 53 2.16 27.97 -1.06
N GLN A 54 3.10 27.38 -1.80
CA GLN A 54 2.94 25.98 -2.18
C GLN A 54 2.80 25.11 -0.93
N GLN A 55 3.65 25.34 0.06
CA GLN A 55 3.61 24.57 1.30
C GLN A 55 2.29 24.72 2.04
N GLN A 56 1.60 25.85 1.85
CA GLN A 56 0.27 26.10 2.41
C GLN A 56 -0.86 25.59 1.51
N GLY A 57 -0.56 24.93 0.40
CA GLY A 57 -1.60 24.44 -0.49
C GLY A 57 -2.20 25.46 -1.42
N LYS A 58 -1.65 26.67 -1.47
CA LYS A 58 -2.13 27.72 -2.38
C LYS A 58 -1.36 27.61 -3.70
N LEU A 59 -1.70 26.57 -4.47
CA LEU A 59 -0.85 26.20 -5.61
C LEU A 59 -0.97 27.21 -6.75
N GLN A 60 -2.20 27.63 -7.08
CA GLN A 60 -2.37 28.58 -8.18
C GLN A 60 -1.70 29.91 -7.85
N GLU A 61 -1.84 30.39 -6.63
CA GLU A 61 -1.17 31.64 -6.26
C GLU A 61 0.35 31.49 -6.32
N ALA A 62 0.87 30.31 -5.97
CA ALA A 62 2.30 30.08 -6.06
C ALA A 62 2.78 30.14 -7.51
N LEU A 63 2.06 29.46 -8.42
CA LEU A 63 2.42 29.52 -9.84
C LEU A 63 2.50 30.96 -10.31
N MET A 64 1.55 31.81 -9.90
CA MET A 64 1.55 33.18 -10.40
C MET A 64 2.81 33.91 -9.99
N HIS A 65 3.26 33.70 -8.75
CA HIS A 65 4.47 34.37 -8.28
C HIS A 65 5.72 33.76 -8.91
N TYR A 66 5.74 32.45 -9.17
CA TYR A 66 6.88 31.88 -9.90
C TYR A 66 7.02 32.54 -11.27
N LYS A 67 5.92 32.72 -12.01
CA LYS A 67 6.03 33.30 -13.35
C LYS A 67 6.50 34.76 -13.27
N GLU A 68 6.02 35.49 -12.26
CA GLU A 68 6.49 36.86 -12.03
C GLU A 68 8.01 36.87 -11.82
N ALA A 69 8.53 35.97 -10.98
CA ALA A 69 9.98 35.91 -10.78
C ALA A 69 10.72 35.64 -12.08
N ILE A 70 10.18 34.75 -12.91
CA ILE A 70 10.88 34.41 -14.14
C ILE A 70 10.73 35.52 -15.18
N ARG A 71 9.58 36.20 -15.21
CA ARG A 71 9.47 37.39 -16.05
C ARG A 71 10.52 38.42 -15.67
N ILE A 72 10.74 38.63 -14.37
CA ILE A 72 11.76 39.57 -13.93
C ILE A 72 13.14 39.05 -14.28
N SER A 73 13.36 37.74 -14.14
CA SER A 73 14.69 37.15 -14.32
C SER A 73 14.57 35.87 -15.13
N PRO A 74 14.64 35.96 -16.45
CA PRO A 74 14.37 34.78 -17.30
C PRO A 74 15.31 33.60 -17.07
N THR A 75 16.53 33.79 -16.53
CA THR A 75 17.43 32.68 -16.27
C THR A 75 17.50 32.32 -14.78
N PHE A 76 16.40 32.51 -14.05
CA PHE A 76 16.33 32.26 -12.61
C PHE A 76 15.99 30.78 -12.40
N ALA A 77 17.04 29.95 -12.34
CA ALA A 77 16.83 28.50 -12.32
C ALA A 77 16.10 28.03 -11.06
N ASP A 78 16.42 28.61 -9.88
CA ASP A 78 15.67 28.30 -8.66
C ASP A 78 14.15 28.35 -8.90
N ALA A 79 13.67 29.44 -9.52
CA ALA A 79 12.23 29.59 -9.73
C ALA A 79 11.69 28.51 -10.65
N TYR A 80 12.43 28.16 -11.71
CA TYR A 80 11.98 27.09 -12.59
C TYR A 80 11.89 25.75 -11.84
N SER A 81 12.93 25.41 -11.08
CA SER A 81 12.88 24.15 -10.33
C SER A 81 11.76 24.17 -9.29
N ASN A 82 11.63 25.28 -8.55
CA ASN A 82 10.55 25.38 -7.56
C ASN A 82 9.18 25.27 -8.24
N MET A 83 9.00 25.92 -9.39
CA MET A 83 7.74 25.83 -10.12
C MET A 83 7.46 24.39 -10.55
N GLY A 84 8.50 23.66 -11.00
CA GLY A 84 8.33 22.25 -11.35
C GLY A 84 7.71 21.43 -10.24
N ASN A 85 8.18 21.64 -9.00
CA ASN A 85 7.64 20.94 -7.84
C ASN A 85 6.16 21.24 -7.64
N THR A 86 5.75 22.50 -7.86
CA THR A 86 4.33 22.84 -7.74
C THR A 86 3.52 22.17 -8.85
N LEU A 87 4.04 22.14 -10.07
CA LEU A 87 3.30 21.50 -11.16
C LEU A 87 3.19 19.99 -10.92
N LYS A 88 4.28 19.38 -10.43
CA LYS A 88 4.22 17.96 -10.09
C LYS A 88 3.09 17.69 -9.09
N GLU A 89 2.97 18.54 -8.07
CA GLU A 89 1.92 18.32 -7.10
C GLU A 89 0.54 18.50 -7.73
N MET A 90 0.41 19.41 -8.69
CA MET A 90 -0.85 19.55 -9.40
C MET A 90 -1.10 18.42 -10.41
N GLN A 91 -0.22 17.42 -10.49
CA GLN A 91 -0.39 16.30 -11.41
C GLN A 91 -0.05 16.67 -12.85
N ASP A 92 0.67 17.76 -13.07
CA ASP A 92 1.08 18.17 -14.41
C ASP A 92 2.53 17.72 -14.59
N VAL A 93 2.69 16.44 -14.96
CA VAL A 93 4.03 15.86 -15.04
C VAL A 93 4.83 16.46 -16.20
N GLN A 94 4.19 16.64 -17.37
CA GLN A 94 4.90 17.25 -18.49
C GLN A 94 5.34 18.69 -18.16
N GLY A 95 4.43 19.50 -17.60
CA GLY A 95 4.85 20.80 -17.11
C GLY A 95 6.02 20.71 -16.13
N ALA A 96 5.94 19.78 -15.17
CA ALA A 96 7.06 19.66 -14.24
C ALA A 96 8.36 19.33 -14.97
N LEU A 97 8.32 18.37 -15.90
CA LEU A 97 9.53 17.99 -16.65
C LEU A 97 10.08 19.18 -17.44
N GLN A 98 9.20 19.92 -18.11
CA GLN A 98 9.62 21.12 -18.83
C GLN A 98 10.35 22.10 -17.92
N CYS A 99 9.83 22.31 -16.71
CA CYS A 99 10.50 23.23 -15.76
C CYS A 99 11.85 22.68 -15.28
N TYR A 100 11.89 21.40 -14.88
CA TYR A 100 13.13 20.83 -14.37
C TYR A 100 14.22 20.87 -15.46
N THR A 101 13.86 20.48 -16.70
CA THR A 101 14.89 20.45 -17.75
C THR A 101 15.33 21.86 -18.13
N ARG A 102 14.43 22.84 -18.03
CA ARG A 102 14.84 24.23 -18.22
C ARG A 102 15.84 24.64 -17.14
N ALA A 103 15.58 24.26 -15.88
CA ALA A 103 16.46 24.70 -14.80
C ALA A 103 17.85 24.10 -14.95
N ILE A 104 17.92 22.84 -15.37
CA ILE A 104 19.18 22.12 -15.51
C ILE A 104 19.92 22.62 -16.74
N GLN A 105 19.19 23.00 -17.79
CA GLN A 105 19.81 23.66 -18.94
C GLN A 105 20.40 25.00 -18.55
N ILE A 106 19.74 25.76 -17.67
CA ILE A 106 20.32 27.02 -17.22
C ILE A 106 21.56 26.74 -16.37
N ASN A 107 21.45 25.82 -15.40
CA ASN A 107 22.52 25.59 -14.43
C ASN A 107 22.72 24.08 -14.31
N PRO A 108 23.62 23.51 -15.11
CA PRO A 108 23.89 22.06 -14.99
C PRO A 108 24.37 21.65 -13.61
N ALA A 109 24.91 22.57 -12.80
CA ALA A 109 25.40 22.22 -11.47
C ALA A 109 24.33 22.41 -10.38
N PHE A 110 23.07 22.53 -10.75
CA PHE A 110 21.97 22.79 -9.80
C PHE A 110 21.52 21.47 -9.16
N ALA A 111 22.09 21.14 -7.99
CA ALA A 111 21.82 19.83 -7.37
C ALA A 111 20.32 19.61 -7.16
N ASP A 112 19.63 20.59 -6.58
CA ASP A 112 18.22 20.40 -6.24
C ASP A 112 17.39 20.05 -7.47
N ALA A 113 17.69 20.67 -8.61
CA ALA A 113 16.83 20.41 -9.76
C ALA A 113 17.06 18.99 -10.27
N HIS A 114 18.31 18.50 -10.20
CA HIS A 114 18.58 17.12 -10.59
C HIS A 114 17.81 16.13 -9.71
N SER A 115 17.74 16.40 -8.41
CA SER A 115 17.03 15.52 -7.49
C SER A 115 15.52 15.59 -7.72
N ASN A 116 14.99 16.78 -8.02
CA ASN A 116 13.57 16.88 -8.30
C ASN A 116 13.21 16.15 -9.60
N LEU A 117 14.08 16.27 -10.61
CA LEU A 117 13.92 15.49 -11.84
C LEU A 117 13.89 14.00 -11.54
N ALA A 118 14.86 13.53 -10.74
CA ALA A 118 14.91 12.14 -10.32
C ALA A 118 13.57 11.66 -9.78
N SER A 119 12.89 12.51 -9.00
CA SER A 119 11.63 12.08 -8.39
C SER A 119 10.57 11.79 -9.46
N ILE A 120 10.60 12.51 -10.60
CA ILE A 120 9.70 12.18 -11.71
C ILE A 120 10.01 10.79 -12.25
N HIS A 121 11.28 10.52 -12.55
CA HIS A 121 11.70 9.20 -13.03
C HIS A 121 11.29 8.12 -12.04
N LYS A 122 11.47 8.36 -10.74
CA LYS A 122 11.13 7.36 -9.74
C LYS A 122 9.65 7.03 -9.80
N ASP A 123 8.80 8.08 -9.87
CA ASP A 123 7.36 7.87 -9.92
C ASP A 123 6.91 7.29 -11.25
N SER A 124 7.69 7.46 -12.32
CA SER A 124 7.26 6.95 -13.61
C SER A 124 7.57 5.46 -13.76
N GLY A 125 8.33 4.87 -12.85
CA GLY A 125 8.79 3.52 -13.03
C GLY A 125 10.14 3.40 -13.75
N ASN A 126 10.87 4.50 -13.91
CA ASN A 126 12.15 4.52 -14.62
C ASN A 126 13.27 4.61 -13.57
N ILE A 127 13.47 3.50 -12.88
CA ILE A 127 14.32 3.53 -11.70
C ILE A 127 15.79 3.75 -12.07
N PRO A 128 16.31 3.17 -13.16
CA PRO A 128 17.69 3.48 -13.51
C PRO A 128 17.93 4.97 -13.75
N GLU A 129 17.01 5.69 -14.42
CA GLU A 129 17.26 7.12 -14.64
C GLU A 129 17.15 7.90 -13.32
N ALA A 130 16.19 7.54 -12.48
CA ALA A 130 16.07 8.16 -11.16
C ALA A 130 17.37 8.00 -10.38
N ILE A 131 17.96 6.81 -10.42
CA ILE A 131 19.20 6.57 -9.68
C ILE A 131 20.31 7.43 -10.24
N ALA A 132 20.42 7.50 -11.57
CA ALA A 132 21.43 8.36 -12.18
C ALA A 132 21.26 9.81 -11.73
N SER A 133 20.03 10.34 -11.78
CA SER A 133 19.83 11.75 -11.46
C SER A 133 20.04 12.02 -9.97
N TYR A 134 19.60 11.11 -9.09
CA TYR A 134 19.89 11.25 -7.67
C TYR A 134 21.39 11.21 -7.41
N ARG A 135 22.12 10.38 -8.15
CA ARG A 135 23.56 10.32 -7.94
C ARG A 135 24.25 11.58 -8.45
N THR A 136 23.72 12.20 -9.51
CA THR A 136 24.27 13.48 -9.93
C THR A 136 24.02 14.54 -8.87
N ALA A 137 22.82 14.57 -8.30
CA ALA A 137 22.51 15.50 -7.21
C ALA A 137 23.48 15.32 -6.04
N LEU A 138 23.72 14.08 -5.60
CA LEU A 138 24.59 13.88 -4.44
C LEU A 138 26.06 14.18 -4.78
N LYS A 139 26.45 14.04 -6.04
CA LYS A 139 27.80 14.45 -6.44
C LYS A 139 27.94 15.96 -6.40
N LEU A 140 26.90 16.69 -6.81
CA LEU A 140 26.96 18.14 -6.77
C LEU A 140 26.81 18.68 -5.36
N LYS A 141 26.01 18.02 -4.53
CA LYS A 141 25.70 18.50 -3.18
C LYS A 141 25.79 17.30 -2.25
N PRO A 142 26.98 16.99 -1.75
CA PRO A 142 27.16 15.72 -1.04
C PRO A 142 26.29 15.59 0.21
N ASP A 143 25.97 16.68 0.91
CA ASP A 143 25.04 16.66 2.04
C ASP A 143 23.65 17.03 1.54
N PHE A 144 22.83 16.03 1.21
CA PHE A 144 21.54 16.26 0.56
C PHE A 144 20.59 15.16 1.01
N PRO A 145 19.92 15.35 2.16
CA PRO A 145 19.12 14.24 2.72
C PRO A 145 17.95 13.77 1.86
N ASP A 146 17.22 14.67 1.18
CA ASP A 146 16.11 14.19 0.34
C ASP A 146 16.63 13.25 -0.74
N ALA A 147 17.73 13.63 -1.39
CA ALA A 147 18.28 12.85 -2.50
C ALA A 147 18.83 11.52 -2.01
N TYR A 148 19.58 11.54 -0.91
CA TYR A 148 20.13 10.30 -0.37
C TYR A 148 18.99 9.33 -0.04
N CYS A 149 17.98 9.81 0.69
CA CYS A 149 16.93 8.90 1.16
C CYS A 149 16.07 8.40 0.01
N ASN A 150 15.76 9.25 -0.98
CA ASN A 150 14.97 8.75 -2.09
C ASN A 150 15.80 7.86 -3.00
N LEU A 151 17.10 8.12 -3.10
CA LEU A 151 18.00 7.18 -3.75
C LEU A 151 17.96 5.82 -3.04
N ALA A 152 17.99 5.84 -1.71
CA ALA A 152 17.98 4.61 -0.93
C ALA A 152 16.71 3.80 -1.22
N HIS A 153 15.58 4.47 -1.37
CA HIS A 153 14.36 3.73 -1.69
C HIS A 153 14.39 3.20 -3.13
N CYS A 154 15.00 3.95 -4.07
CA CYS A 154 15.25 3.42 -5.41
C CYS A 154 16.03 2.11 -5.36
N LEU A 155 17.10 2.08 -4.56
CA LEU A 155 17.90 0.87 -4.45
C LEU A 155 17.13 -0.26 -3.77
N GLN A 156 16.33 0.08 -2.74
CA GLN A 156 15.43 -0.91 -2.15
C GLN A 156 14.51 -1.51 -3.21
N ILE A 157 13.92 -0.65 -4.06
CA ILE A 157 12.94 -1.10 -5.04
C ILE A 157 13.52 -2.19 -5.94
N VAL A 158 14.78 -2.04 -6.37
CA VAL A 158 15.39 -2.98 -7.31
C VAL A 158 16.28 -4.00 -6.59
N CYS A 159 16.25 -4.02 -5.26
CA CYS A 159 17.06 -4.95 -4.47
C CYS A 159 18.55 -4.81 -4.79
N ASP A 160 19.00 -3.57 -4.87
CA ASP A 160 20.43 -3.30 -4.93
C ASP A 160 20.92 -3.16 -3.50
N TRP A 161 21.69 -4.14 -3.04
CA TRP A 161 22.12 -4.16 -1.65
C TRP A 161 23.60 -3.81 -1.50
N THR A 162 24.17 -3.15 -2.51
CA THR A 162 25.56 -2.68 -2.42
C THR A 162 25.69 -1.78 -1.19
N ASP A 163 26.59 -2.15 -0.29
CA ASP A 163 26.84 -1.36 0.91
C ASP A 163 25.55 -1.08 1.67
N TYR A 164 24.65 -2.08 1.69
CA TYR A 164 23.38 -1.90 2.35
C TYR A 164 23.57 -1.56 3.83
N ASP A 165 24.56 -2.19 4.47
CA ASP A 165 24.77 -1.91 5.90
C ASP A 165 25.10 -0.44 6.15
N GLU A 166 25.99 0.16 5.35
CA GLU A 166 26.33 1.57 5.57
C GLU A 166 25.17 2.48 5.17
N ARG A 167 24.39 2.07 4.16
CA ARG A 167 23.21 2.79 3.75
C ARG A 167 22.22 2.93 4.92
N MET A 168 21.87 1.82 5.58
CA MET A 168 21.00 1.90 6.75
C MET A 168 21.59 2.80 7.84
N LYS A 169 22.89 2.67 8.10
CA LYS A 169 23.54 3.53 9.10
C LYS A 169 23.32 5.00 8.78
N LYS A 170 23.57 5.40 7.53
CA LYS A 170 23.42 6.81 7.17
C LYS A 170 21.96 7.24 7.14
N LEU A 171 21.04 6.38 6.68
CA LEU A 171 19.62 6.71 6.75
C LEU A 171 19.22 7.06 8.18
N VAL A 172 19.57 6.19 9.12
CA VAL A 172 19.22 6.41 10.52
C VAL A 172 19.88 7.71 11.01
N SER A 173 21.14 7.93 10.63
CA SER A 173 21.86 9.13 11.01
C SER A 173 21.16 10.39 10.51
N ILE A 174 20.66 10.36 9.27
CA ILE A 174 20.02 11.53 8.70
C ILE A 174 18.74 11.84 9.46
N VAL A 175 17.95 10.81 9.75
CA VAL A 175 16.69 11.00 10.47
C VAL A 175 16.94 11.56 11.85
N ALA A 176 17.92 10.99 12.58
CA ALA A 176 18.27 11.50 13.90
C ALA A 176 18.59 12.99 13.82
N ASP A 177 19.44 13.37 12.86
CA ASP A 177 19.85 14.77 12.75
C ASP A 177 18.65 15.66 12.41
N GLN A 178 17.79 15.21 11.50
CA GLN A 178 16.63 16.01 11.12
C GLN A 178 15.64 16.14 12.28
N LEU A 179 15.37 15.04 12.98
CA LEU A 179 14.49 15.11 14.15
C LEU A 179 15.08 16.00 15.23
N GLU A 180 16.39 15.90 15.45
CA GLU A 180 17.01 16.74 16.48
C GLU A 180 16.97 18.21 16.11
N LYS A 181 16.99 18.52 14.80
CA LYS A 181 17.01 19.90 14.34
C LYS A 181 15.62 20.43 14.01
N ASN A 182 14.57 19.72 14.39
CA ASN A 182 13.20 20.12 14.13
C ASN A 182 13.00 20.42 12.64
N ARG A 183 13.29 19.41 11.83
CA ARG A 183 13.03 19.43 10.41
C ARG A 183 12.19 18.22 10.03
N LEU A 184 11.50 18.33 8.90
CA LEU A 184 10.74 17.23 8.34
C LEU A 184 11.69 16.12 7.89
N PRO A 185 11.56 14.91 8.42
CA PRO A 185 12.47 13.83 8.02
C PRO A 185 12.36 13.50 6.54
N SER A 186 13.52 13.22 5.92
CA SER A 186 13.54 12.87 4.50
C SER A 186 13.11 11.43 4.23
N VAL A 187 12.91 10.61 5.26
CA VAL A 187 12.28 9.30 5.09
C VAL A 187 10.77 9.46 5.23
N HIS A 188 10.02 8.92 4.27
CA HIS A 188 8.57 8.99 4.28
C HIS A 188 7.98 8.02 5.31
N PRO A 189 6.86 8.38 5.94
CA PRO A 189 6.25 7.47 6.95
C PRO A 189 5.98 6.06 6.44
N HIS A 190 5.45 5.92 5.22
CA HIS A 190 5.13 4.60 4.70
C HIS A 190 6.38 3.77 4.40
N HIS A 191 7.56 4.39 4.38
CA HIS A 191 8.80 3.67 4.14
C HIS A 191 9.58 3.40 5.42
N SER A 192 9.28 4.12 6.50
CA SER A 192 10.07 4.01 7.71
C SER A 192 10.06 2.59 8.25
N MET A 193 9.01 1.82 7.94
CA MET A 193 8.94 0.43 8.36
C MET A 193 10.06 -0.42 7.78
N LEU A 194 10.69 0.02 6.70
CA LEU A 194 11.65 -0.79 5.95
C LEU A 194 13.09 -0.68 6.50
N TYR A 195 13.36 0.28 7.35
CA TYR A 195 14.71 0.61 7.79
C TYR A 195 14.82 0.43 9.29
N PRO A 196 16.05 0.11 9.82
CA PRO A 196 16.19 -0.16 11.27
C PRO A 196 16.18 1.11 12.11
N LEU A 197 15.06 1.85 12.04
CA LEU A 197 14.79 3.02 12.87
C LEU A 197 14.08 2.60 14.14
N SER A 198 14.31 3.34 15.22
CA SER A 198 13.58 3.08 16.46
C SER A 198 12.09 3.35 16.28
N HIS A 199 11.28 2.78 17.17
CA HIS A 199 9.84 3.06 17.11
C HIS A 199 9.56 4.53 17.39
N GLY A 200 10.35 5.14 18.28
CA GLY A 200 10.20 6.57 18.52
C GLY A 200 10.42 7.39 17.26
N PHE A 201 11.48 7.07 16.49
CA PHE A 201 11.74 7.77 15.25
C PHE A 201 10.62 7.56 14.24
N ARG A 202 10.12 6.32 14.12
CA ARG A 202 9.05 6.10 13.12
C ARG A 202 7.79 6.88 13.51
N LYS A 203 7.43 6.86 14.79
CA LYS A 203 6.29 7.66 15.22
C LYS A 203 6.54 9.16 14.98
N ALA A 204 7.75 9.64 15.26
CA ALA A 204 8.06 11.05 15.05
C ALA A 204 8.03 11.42 13.57
N ILE A 205 8.53 10.53 12.71
CA ILE A 205 8.41 10.76 11.27
C ILE A 205 6.94 10.98 10.90
N ALA A 206 6.06 10.11 11.40
CA ALA A 206 4.64 10.22 11.11
C ALA A 206 4.10 11.57 11.57
N GLU A 207 4.41 11.95 12.81
CA GLU A 207 3.88 13.20 13.35
C GLU A 207 4.30 14.38 12.49
N ARG A 208 5.55 14.38 12.03
CA ARG A 208 6.02 15.52 11.24
C ARG A 208 5.31 15.60 9.90
N HIS A 209 5.08 14.45 9.24
CA HIS A 209 4.32 14.51 7.99
C HIS A 209 2.88 14.94 8.25
N GLY A 210 2.29 14.48 9.35
CA GLY A 210 0.98 14.98 9.73
C GLY A 210 0.97 16.48 9.92
N ASN A 211 2.07 17.04 10.48
CA ASN A 211 2.10 18.50 10.71
C ASN A 211 1.98 19.27 9.41
N LEU A 212 2.44 18.68 8.29
CA LEU A 212 2.29 19.32 6.99
C LEU A 212 0.83 19.67 6.73
N CYS A 213 -0.08 18.82 7.18
CA CYS A 213 -1.51 19.06 6.96
C CYS A 213 -1.97 20.29 7.71
N LEU A 214 -1.38 20.57 8.86
CA LEU A 214 -1.79 21.72 9.65
C LEU A 214 -1.47 23.03 8.92
N ASP A 215 -0.29 23.14 8.29
CA ASP A 215 0.02 24.34 7.54
C ASP A 215 -1.00 24.59 6.44
N LYS A 216 -1.60 23.54 5.90
CA LYS A 216 -2.57 23.71 4.83
C LYS A 216 -3.99 23.99 5.33
N ILE A 217 -4.32 23.66 6.59
CA ILE A 217 -5.66 24.01 7.08
C ILE A 217 -5.62 25.31 7.89
N ASN A 218 -4.48 25.64 8.48
CA ASN A 218 -4.43 26.87 9.28
C ASN A 218 -4.77 28.10 8.46
N VAL A 219 -4.44 28.11 7.16
CA VAL A 219 -4.76 29.25 6.33
C VAL A 219 -6.25 29.39 6.09
N LEU A 220 -7.05 28.38 6.46
CA LEU A 220 -8.50 28.45 6.32
C LEU A 220 -9.17 29.22 7.46
N HIS A 221 -8.47 29.39 8.58
CA HIS A 221 -9.00 30.07 9.77
C HIS A 221 -10.43 29.60 10.09
N LYS A 222 -10.57 28.31 10.21
CA LYS A 222 -11.86 27.74 10.59
C LYS A 222 -11.91 27.50 12.10
N PRO A 223 -13.03 27.81 12.74
CA PRO A 223 -13.16 27.53 14.17
C PRO A 223 -13.39 26.05 14.40
N PRO A 224 -13.36 25.60 15.65
CA PRO A 224 -13.64 24.20 15.92
C PRO A 224 -15.09 23.87 15.61
N TYR A 225 -15.32 22.63 15.19
CA TYR A 225 -16.68 22.19 14.92
C TYR A 225 -17.39 21.79 16.21
N GLU A 226 -18.70 22.05 16.27
CA GLU A 226 -19.53 21.50 17.31
C GLU A 226 -19.96 20.09 16.92
N HIS A 227 -19.80 19.13 17.82
CA HIS A 227 -20.04 17.73 17.47
C HIS A 227 -21.30 17.22 18.15
N PRO A 228 -21.98 16.25 17.53
CA PRO A 228 -23.16 15.65 18.19
C PRO A 228 -22.75 15.02 19.51
N LYS A 229 -23.64 15.12 20.50
CA LYS A 229 -23.43 14.47 21.78
C LYS A 229 -24.46 13.39 22.09
N ASP A 230 -25.29 13.03 21.11
CA ASP A 230 -26.27 11.97 21.24
C ASP A 230 -26.61 11.46 19.84
N LEU A 231 -27.60 10.57 19.76
CA LEU A 231 -28.05 10.00 18.49
C LEU A 231 -29.49 10.40 18.15
N LYS A 232 -30.04 11.42 18.81
CA LYS A 232 -31.44 11.76 18.59
C LYS A 232 -31.67 12.26 17.17
N LEU A 233 -30.79 13.14 16.68
CA LEU A 233 -30.97 13.71 15.35
C LEU A 233 -30.85 12.67 14.25
N SER A 234 -30.29 11.49 14.57
CA SER A 234 -30.09 10.41 13.61
C SER A 234 -30.97 9.20 13.88
N ASP A 235 -32.06 9.38 14.63
CA ASP A 235 -33.04 8.31 14.88
C ASP A 235 -32.43 7.16 15.67
N GLY A 236 -31.51 7.49 16.58
CA GLY A 236 -30.84 6.46 17.36
C GLY A 236 -29.76 5.71 16.63
N ARG A 237 -29.38 6.14 15.43
CA ARG A 237 -28.41 5.45 14.62
C ARG A 237 -27.05 6.14 14.70
N LEU A 238 -25.99 5.34 14.74
CA LEU A 238 -24.65 5.89 14.69
C LEU A 238 -24.30 6.19 13.25
N ARG A 239 -23.81 7.40 12.99
CA ARG A 239 -23.45 7.81 11.64
C ARG A 239 -21.95 7.60 11.47
N VAL A 240 -21.60 6.68 10.56
CA VAL A 240 -20.21 6.31 10.30
C VAL A 240 -19.81 6.82 8.93
N GLY A 241 -18.67 7.50 8.86
CA GLY A 241 -18.20 8.02 7.59
C GLY A 241 -16.89 7.40 7.18
N TYR A 242 -16.88 6.68 6.05
CA TYR A 242 -15.67 6.08 5.50
C TYR A 242 -15.07 7.02 4.47
N VAL A 243 -13.84 7.48 4.72
CA VAL A 243 -13.18 8.44 3.84
C VAL A 243 -12.03 7.72 3.14
N SER A 244 -12.06 7.72 1.82
CA SER A 244 -11.04 6.99 1.07
C SER A 244 -10.93 7.50 -0.37
N SER A 245 -9.69 7.58 -0.86
CA SER A 245 -9.44 7.76 -2.28
C SER A 245 -9.58 6.48 -3.09
N ASP A 246 -9.93 5.35 -2.47
CA ASP A 246 -9.74 4.06 -3.13
C ASP A 246 -11.04 3.27 -3.30
N PHE A 247 -12.17 3.97 -3.43
CA PHE A 247 -13.42 3.34 -3.85
C PHE A 247 -13.33 3.24 -5.36
N GLY A 248 -12.84 2.10 -5.83
CA GLY A 248 -12.52 1.91 -7.23
C GLY A 248 -11.64 0.67 -7.33
N ASN A 249 -11.02 0.51 -8.50
CA ASN A 249 -10.13 -0.64 -8.70
C ASN A 249 -8.81 -0.36 -7.98
N HIS A 250 -8.80 -0.67 -6.70
CA HIS A 250 -7.68 -0.46 -5.79
C HIS A 250 -7.77 -1.55 -4.73
N PRO A 251 -6.63 -2.05 -4.23
CA PRO A 251 -6.66 -3.16 -3.27
C PRO A 251 -7.53 -2.91 -2.05
N THR A 252 -7.69 -1.66 -1.61
CA THR A 252 -8.53 -1.39 -0.45
C THR A 252 -9.99 -1.77 -0.71
N SER A 253 -10.50 -1.52 -1.92
CA SER A 253 -11.84 -1.99 -2.25
C SER A 253 -11.87 -3.51 -2.36
N HIS A 254 -10.81 -4.12 -2.90
CA HIS A 254 -10.71 -5.57 -2.95
C HIS A 254 -10.79 -6.19 -1.55
N LEU A 255 -10.49 -5.40 -0.51
CA LEU A 255 -10.57 -5.87 0.85
C LEU A 255 -11.95 -5.62 1.48
N MET A 256 -12.50 -4.40 1.35
CA MET A 256 -13.64 -4.04 2.19
C MET A 256 -14.88 -3.59 1.42
N GLN A 257 -14.94 -3.78 0.09
CA GLN A 257 -16.06 -3.25 -0.68
C GLN A 257 -17.41 -3.78 -0.20
N SER A 258 -17.45 -4.94 0.48
CA SER A 258 -18.71 -5.50 0.97
C SER A 258 -19.17 -4.87 2.28
N ILE A 259 -18.29 -4.22 3.02
CA ILE A 259 -18.61 -3.83 4.39
C ILE A 259 -19.67 -2.73 4.48
N PRO A 260 -19.63 -1.67 3.67
CA PRO A 260 -20.69 -0.65 3.78
C PRO A 260 -22.10 -1.22 3.64
N GLY A 261 -22.31 -2.15 2.70
CA GLY A 261 -23.63 -2.70 2.52
C GLY A 261 -24.03 -3.74 3.54
N MET A 262 -23.09 -4.21 4.35
CA MET A 262 -23.41 -5.19 5.37
C MET A 262 -23.73 -4.59 6.72
N HIS A 263 -23.42 -3.30 6.91
CA HIS A 263 -23.84 -2.61 8.13
C HIS A 263 -25.33 -2.74 8.34
N ASN A 264 -25.73 -2.82 9.60
CA ASN A 264 -27.09 -2.99 10.07
C ASN A 264 -27.80 -1.65 10.07
N PRO A 265 -28.74 -1.41 9.15
CA PRO A 265 -29.33 -0.06 9.03
C PRO A 265 -30.26 0.30 10.18
N ASP A 266 -30.59 -0.65 11.05
CA ASP A 266 -31.35 -0.31 12.24
C ASP A 266 -30.52 0.42 13.29
N LYS A 267 -29.19 0.27 13.28
CA LYS A 267 -28.35 0.94 14.28
C LYS A 267 -27.22 1.79 13.68
N PHE A 268 -27.06 1.82 12.37
CA PHE A 268 -25.96 2.51 11.71
C PHE A 268 -26.44 3.18 10.42
N GLU A 269 -25.90 4.37 10.15
CA GLU A 269 -26.11 5.08 8.90
C GLU A 269 -24.75 5.33 8.26
N VAL A 270 -24.54 4.78 7.05
CA VAL A 270 -23.22 4.67 6.45
C VAL A 270 -23.05 5.75 5.38
N PHE A 271 -22.03 6.58 5.54
CA PHE A 271 -21.66 7.61 4.59
C PHE A 271 -20.28 7.27 4.05
N CYS A 272 -20.16 7.13 2.73
CA CYS A 272 -18.85 6.92 2.10
C CYS A 272 -18.43 8.22 1.40
N TYR A 273 -17.27 8.76 1.80
CA TYR A 273 -16.73 10.00 1.24
C TYR A 273 -15.56 9.64 0.32
N ALA A 274 -15.82 9.68 -0.99
CA ALA A 274 -14.80 9.34 -1.97
C ALA A 274 -13.88 10.53 -2.23
N LEU A 275 -12.57 10.31 -2.11
CA LEU A 275 -11.61 11.33 -2.51
C LEU A 275 -11.18 11.21 -3.97
N SER A 276 -11.69 10.23 -4.71
CA SER A 276 -11.32 10.05 -6.11
C SER A 276 -12.55 10.13 -7.00
N PRO A 277 -12.40 10.51 -8.26
CA PRO A 277 -13.54 10.46 -9.19
C PRO A 277 -13.88 9.01 -9.53
N ASP A 278 -15.05 8.85 -10.14
CA ASP A 278 -15.55 7.53 -10.53
C ASP A 278 -14.68 6.96 -11.64
N ASP A 279 -13.94 5.88 -11.36
CA ASP A 279 -13.10 5.24 -12.37
C ASP A 279 -13.87 4.27 -13.27
N GLY A 280 -15.19 4.22 -13.19
CA GLY A 280 -15.99 3.39 -14.08
C GLY A 280 -16.05 1.89 -13.74
N THR A 281 -15.41 1.44 -12.66
CA THR A 281 -15.35 0.00 -12.36
C THR A 281 -16.51 -0.45 -11.48
N ASN A 282 -16.75 -1.77 -11.46
CA ASN A 282 -17.80 -2.33 -10.62
C ASN A 282 -17.55 -2.10 -9.14
N PHE A 283 -16.28 -1.97 -8.71
CA PHE A 283 -15.99 -1.66 -7.31
C PHE A 283 -16.66 -0.35 -6.89
N ARG A 284 -16.51 0.69 -7.72
CA ARG A 284 -17.12 1.97 -7.41
C ARG A 284 -18.64 1.86 -7.47
N VAL A 285 -19.17 1.12 -8.45
CA VAL A 285 -20.61 0.94 -8.57
C VAL A 285 -21.18 0.32 -7.30
N LYS A 286 -20.53 -0.73 -6.81
CA LYS A 286 -21.07 -1.49 -5.68
C LYS A 286 -21.15 -0.62 -4.43
N VAL A 287 -20.09 0.14 -4.11
CA VAL A 287 -20.13 0.96 -2.90
C VAL A 287 -21.13 2.09 -3.07
N MET A 288 -21.17 2.74 -4.23
CA MET A 288 -22.16 3.77 -4.47
C MET A 288 -23.58 3.23 -4.35
N ALA A 289 -23.81 1.96 -4.68
CA ALA A 289 -25.16 1.44 -4.61
C ALA A 289 -25.53 0.97 -3.21
N GLU A 290 -24.56 0.50 -2.44
CA GLU A 290 -24.83 -0.16 -1.17
C GLU A 290 -24.68 0.74 0.05
N ALA A 291 -23.88 1.80 -0.02
CA ALA A 291 -23.82 2.74 1.08
C ALA A 291 -25.14 3.49 1.21
N ASN A 292 -25.56 3.82 2.43
CA ASN A 292 -26.76 4.63 2.58
C ASN A 292 -26.58 5.98 1.87
N HIS A 293 -25.38 6.55 1.96
CA HIS A 293 -25.05 7.81 1.33
C HIS A 293 -23.66 7.71 0.71
N PHE A 294 -23.51 8.25 -0.50
CA PHE A 294 -22.21 8.32 -1.15
C PHE A 294 -21.94 9.75 -1.58
N ILE A 295 -20.80 10.30 -1.15
CA ILE A 295 -20.47 11.70 -1.38
C ILE A 295 -19.14 11.78 -2.12
N ASP A 296 -19.14 12.39 -3.30
CA ASP A 296 -17.95 12.50 -4.13
C ASP A 296 -17.22 13.79 -3.76
N LEU A 297 -16.29 13.68 -2.80
CA LEU A 297 -15.51 14.85 -2.40
C LEU A 297 -14.47 15.25 -3.45
N SER A 298 -14.18 14.39 -4.44
CA SER A 298 -13.29 14.82 -5.51
C SER A 298 -13.85 16.03 -6.24
N GLN A 299 -15.16 16.30 -6.12
CA GLN A 299 -15.76 17.50 -6.66
C GLN A 299 -15.62 18.70 -5.72
N ILE A 300 -15.13 18.49 -4.50
CA ILE A 300 -15.02 19.57 -3.52
C ILE A 300 -13.57 19.69 -3.10
N PRO A 301 -12.71 20.33 -3.90
CA PRO A 301 -11.27 20.28 -3.60
C PRO A 301 -10.87 21.12 -2.39
N CYS A 302 -11.62 22.15 -2.01
CA CYS A 302 -11.29 22.87 -0.78
C CYS A 302 -11.51 21.96 0.42
N ASN A 303 -10.49 21.80 1.26
CA ASN A 303 -10.67 20.92 2.42
C ASN A 303 -11.58 21.53 3.47
N GLY A 304 -11.64 22.87 3.54
CA GLY A 304 -12.59 23.50 4.43
C GLY A 304 -14.02 23.26 4.02
N LYS A 305 -14.32 23.39 2.72
CA LYS A 305 -15.67 23.10 2.23
C LYS A 305 -15.99 21.61 2.32
N ALA A 306 -15.01 20.74 2.08
CA ALA A 306 -15.27 19.31 2.19
C ALA A 306 -15.53 18.90 3.65
N ALA A 307 -14.73 19.42 4.58
CA ALA A 307 -14.99 19.15 5.99
C ALA A 307 -16.36 19.66 6.42
N ASP A 308 -16.75 20.86 5.96
CA ASP A 308 -18.09 21.37 6.24
C ASP A 308 -19.15 20.35 5.82
N ARG A 309 -18.99 19.77 4.63
CA ARG A 309 -19.95 18.76 4.16
C ARG A 309 -20.01 17.58 5.12
N ILE A 310 -18.83 17.07 5.53
CA ILE A 310 -18.82 15.95 6.47
C ILE A 310 -19.58 16.34 7.73
N HIS A 311 -19.24 17.50 8.30
CA HIS A 311 -19.87 17.94 9.54
C HIS A 311 -21.37 18.15 9.37
N GLN A 312 -21.81 18.61 8.19
CA GLN A 312 -23.24 18.82 7.97
C GLN A 312 -24.01 17.51 7.98
N ASP A 313 -23.37 16.41 7.58
CA ASP A 313 -24.00 15.10 7.60
C ASP A 313 -24.12 14.53 9.02
N GLY A 314 -23.46 15.14 10.00
CA GLY A 314 -23.60 14.71 11.38
C GLY A 314 -22.81 13.48 11.76
N ILE A 315 -21.65 13.27 11.15
CA ILE A 315 -20.87 12.06 11.36
C ILE A 315 -20.46 11.95 12.82
N HIS A 316 -20.63 10.75 13.39
CA HIS A 316 -20.14 10.46 14.73
C HIS A 316 -18.72 9.88 14.72
N ILE A 317 -18.47 8.88 13.87
CA ILE A 317 -17.14 8.28 13.72
C ILE A 317 -16.73 8.44 12.27
N LEU A 318 -15.60 9.12 12.06
CA LEU A 318 -15.02 9.31 10.73
C LEU A 318 -13.77 8.42 10.64
N VAL A 319 -13.66 7.66 9.55
CA VAL A 319 -12.68 6.59 9.44
C VAL A 319 -11.69 6.95 8.33
N ASN A 320 -10.42 7.08 8.70
CA ASN A 320 -9.34 7.43 7.77
C ASN A 320 -8.78 6.15 7.14
N MET A 321 -9.10 5.93 5.87
CA MET A 321 -8.64 4.72 5.19
C MET A 321 -7.39 4.93 4.35
N ASN A 322 -6.82 6.15 4.37
CA ASN A 322 -5.63 6.48 3.59
C ASN A 322 -4.35 6.54 4.43
N GLY A 323 -4.38 7.20 5.59
CA GLY A 323 -3.11 7.49 6.20
C GLY A 323 -2.19 8.17 5.19
N TYR A 324 -0.91 7.81 5.23
CA TYR A 324 0.08 8.49 4.37
C TYR A 324 0.27 7.68 3.09
N THR A 325 -0.77 7.71 2.24
CA THR A 325 -0.76 7.06 0.95
C THR A 325 -1.23 8.03 -0.11
N LYS A 326 -0.93 7.72 -1.37
CA LYS A 326 -1.46 8.45 -2.52
C LYS A 326 -2.97 8.67 -2.39
N GLY A 327 -3.38 9.92 -2.62
CA GLY A 327 -4.78 10.29 -2.64
C GLY A 327 -5.32 10.75 -1.31
N ALA A 328 -4.50 10.73 -0.26
CA ALA A 328 -4.96 11.13 1.06
C ALA A 328 -5.30 12.62 1.09
N ARG A 329 -6.31 12.97 1.90
CA ARG A 329 -6.58 14.36 2.28
C ARG A 329 -6.73 14.39 3.80
N ASN A 330 -5.63 14.10 4.49
CA ASN A 330 -5.65 14.09 5.94
C ASN A 330 -5.94 15.48 6.51
N GLU A 331 -5.85 16.53 5.69
CA GLU A 331 -6.37 17.83 6.09
C GLU A 331 -7.80 17.72 6.60
N LEU A 332 -8.61 16.86 5.98
CA LEU A 332 -9.99 16.67 6.43
C LEU A 332 -10.04 16.23 7.88
N PHE A 333 -9.15 15.31 8.27
CA PHE A 333 -9.15 14.87 9.67
C PHE A 333 -8.53 15.92 10.58
N ALA A 334 -7.57 16.70 10.07
CA ALA A 334 -6.96 17.73 10.90
C ALA A 334 -7.98 18.76 11.36
N LEU A 335 -9.00 19.04 10.53
CA LEU A 335 -10.08 19.97 10.86
C LEU A 335 -11.10 19.39 11.83
N ARG A 336 -11.07 18.07 12.10
CA ARG A 336 -11.91 17.43 13.11
C ARG A 336 -13.40 17.70 12.93
N PRO A 337 -13.99 17.36 11.77
CA PRO A 337 -15.44 17.55 11.63
C PRO A 337 -16.27 16.53 12.41
N ALA A 338 -15.65 15.50 12.99
CA ALA A 338 -16.38 14.47 13.73
C ALA A 338 -15.78 14.33 15.12
N PRO A 339 -16.57 13.92 16.11
CA PRO A 339 -16.03 13.80 17.49
C PRO A 339 -15.11 12.60 17.68
N ILE A 340 -15.15 11.59 16.82
CA ILE A 340 -14.30 10.41 16.95
C ILE A 340 -13.73 10.09 15.58
N GLN A 341 -12.40 10.03 15.48
CA GLN A 341 -11.73 9.75 14.21
C GLN A 341 -10.75 8.59 14.37
N ALA A 342 -10.85 7.59 13.48
CA ALA A 342 -10.14 6.33 13.64
C ALA A 342 -9.38 5.97 12.37
N MET A 343 -8.17 5.43 12.55
CA MET A 343 -7.43 4.82 11.44
C MET A 343 -7.91 3.40 11.22
N TRP A 344 -8.05 3.01 9.94
CA TRP A 344 -8.55 1.66 9.66
C TRP A 344 -8.06 1.18 8.30
N LEU A 345 -7.32 0.06 8.30
CA LEU A 345 -7.15 -0.87 7.19
C LEU A 345 -6.24 -0.38 6.07
N GLY A 346 -6.41 0.86 5.62
CA GLY A 346 -5.70 1.29 4.43
C GLY A 346 -4.22 1.58 4.67
N TYR A 347 -3.84 1.98 5.88
CA TYR A 347 -2.47 2.42 6.12
C TYR A 347 -1.86 1.60 7.26
N PRO A 348 -0.76 0.84 7.01
CA PRO A 348 -0.17 -0.05 8.04
C PRO A 348 0.77 0.69 9.00
N GLY A 349 0.23 1.56 9.83
CA GLY A 349 1.07 2.29 10.75
C GLY A 349 0.31 3.42 11.42
N THR A 350 1.04 4.10 12.31
CA THR A 350 0.46 5.21 13.04
C THR A 350 0.45 6.47 12.18
N SER A 351 -0.57 7.31 12.39
CA SER A 351 -0.52 8.68 11.86
C SER A 351 0.42 9.57 12.64
N GLY A 352 0.75 9.19 13.88
CA GLY A 352 1.52 10.05 14.75
C GLY A 352 0.87 11.38 15.05
N ALA A 353 -0.39 11.58 14.64
CA ALA A 353 -1.00 12.91 14.62
C ALA A 353 -2.03 13.04 15.72
N LEU A 354 -2.09 14.23 16.34
CA LEU A 354 -3.05 14.48 17.40
C LEU A 354 -4.48 14.35 16.92
N PHE A 355 -4.74 14.55 15.63
CA PHE A 355 -6.12 14.65 15.17
C PHE A 355 -6.77 13.28 14.91
N MET A 356 -6.04 12.19 15.12
CA MET A 356 -6.60 10.83 15.03
C MET A 356 -6.67 10.25 16.43
N ASP A 357 -7.85 9.77 16.82
CA ASP A 357 -8.05 9.27 18.17
C ASP A 357 -7.67 7.80 18.32
N TYR A 358 -8.04 6.97 17.33
CA TYR A 358 -7.93 5.52 17.44
C TYR A 358 -7.27 4.95 16.19
N ILE A 359 -6.66 3.77 16.36
CA ILE A 359 -6.32 2.92 15.22
C ILE A 359 -6.99 1.57 15.43
N ILE A 360 -7.75 1.13 14.43
CA ILE A 360 -8.45 -0.14 14.53
C ILE A 360 -7.48 -1.25 14.14
N THR A 361 -7.20 -2.15 15.08
CA THR A 361 -6.19 -3.18 14.93
C THR A 361 -6.64 -4.43 15.72
N ASP A 362 -5.70 -5.19 16.26
CA ASP A 362 -6.06 -6.34 17.07
C ASP A 362 -4.87 -6.70 17.94
N GLN A 363 -5.11 -7.64 18.87
CA GLN A 363 -4.12 -7.93 19.89
C GLN A 363 -2.92 -8.66 19.32
N GLU A 364 -3.09 -9.41 18.23
CA GLU A 364 -1.95 -10.06 17.60
C GLU A 364 -1.09 -9.03 16.86
N THR A 365 -1.73 -8.20 16.04
CA THR A 365 -1.00 -7.19 15.28
C THR A 365 -0.32 -6.20 16.21
N SER A 366 -1.03 -5.75 17.26
CA SER A 366 -0.61 -4.63 18.09
C SER A 366 -0.79 -4.97 19.56
N PRO A 367 0.04 -5.85 20.08
CA PRO A 367 -0.10 -6.22 21.49
C PRO A 367 0.19 -5.01 22.37
N ALA A 368 -0.43 -5.03 23.55
CA ALA A 368 -0.44 -3.85 24.41
C ALA A 368 0.96 -3.39 24.79
N GLU A 369 1.94 -4.30 24.85
CA GLU A 369 3.28 -3.89 25.27
C GLU A 369 3.93 -2.94 24.27
N VAL A 370 3.45 -2.89 23.04
CA VAL A 370 4.05 -2.03 22.03
C VAL A 370 3.14 -0.85 21.70
N ALA A 371 2.24 -0.47 22.62
CA ALA A 371 1.34 0.63 22.35
C ALA A 371 2.07 1.94 22.07
N GLU A 372 3.32 2.08 22.54
CA GLU A 372 4.05 3.33 22.37
C GLU A 372 4.49 3.56 20.92
N GLN A 373 4.40 2.55 20.06
CA GLN A 373 4.63 2.73 18.63
C GLN A 373 3.58 3.61 17.98
N TYR A 374 2.43 3.78 18.62
CA TYR A 374 1.28 4.46 18.02
C TYR A 374 0.94 5.72 18.80
N SER A 375 0.60 6.80 18.09
CA SER A 375 0.04 7.96 18.78
C SER A 375 -1.42 7.75 19.15
N GLU A 376 -2.15 6.98 18.35
CA GLU A 376 -3.56 6.68 18.64
C GLU A 376 -3.69 5.75 19.84
N LYS A 377 -4.89 5.73 20.41
CA LYS A 377 -5.31 4.65 21.29
C LYS A 377 -5.67 3.41 20.47
N LEU A 378 -5.42 2.25 21.05
CA LEU A 378 -5.65 0.98 20.39
C LEU A 378 -7.12 0.59 20.48
N ALA A 379 -7.72 0.19 19.35
CA ALA A 379 -9.10 -0.30 19.32
C ALA A 379 -9.11 -1.67 18.66
N TYR A 380 -9.40 -2.72 19.46
CA TYR A 380 -9.18 -4.10 19.05
C TYR A 380 -10.41 -4.69 18.37
N MET A 381 -10.21 -5.25 17.16
CA MET A 381 -11.15 -6.24 16.63
C MET A 381 -10.87 -7.58 17.33
N PRO A 382 -11.87 -8.45 17.45
CA PRO A 382 -11.69 -9.67 18.27
C PRO A 382 -10.75 -10.72 17.67
N HIS A 383 -10.61 -10.78 16.34
CA HIS A 383 -9.72 -11.78 15.76
C HIS A 383 -8.56 -11.11 15.03
N THR A 384 -8.78 -10.66 13.81
CA THR A 384 -7.80 -9.80 13.14
C THR A 384 -8.53 -8.59 12.59
N PHE A 385 -7.80 -7.46 12.52
CA PHE A 385 -8.38 -6.27 11.86
C PHE A 385 -8.39 -6.42 10.34
N PHE A 386 -7.58 -7.33 9.79
CA PHE A 386 -7.59 -7.51 8.35
C PHE A 386 -8.86 -8.21 7.90
N ILE A 387 -9.24 -7.96 6.65
CA ILE A 387 -10.42 -8.55 6.04
C ILE A 387 -10.17 -8.56 4.54
N GLY A 388 -10.88 -9.43 3.83
CA GLY A 388 -10.76 -9.51 2.38
C GLY A 388 -12.11 -9.89 1.80
N ASP A 389 -12.35 -9.50 0.55
CA ASP A 389 -13.63 -9.77 -0.12
C ASP A 389 -13.57 -11.01 -1.00
N HIS A 390 -12.56 -11.86 -0.78
CA HIS A 390 -12.31 -13.01 -1.65
C HIS A 390 -13.53 -13.89 -1.85
N ALA A 391 -14.32 -14.13 -0.80
CA ALA A 391 -15.42 -15.08 -0.92
C ALA A 391 -16.47 -14.57 -1.90
N ASN A 392 -16.65 -13.25 -1.97
CA ASN A 392 -17.56 -12.61 -2.93
C ASN A 392 -16.89 -12.46 -4.30
N MET A 393 -15.61 -12.08 -4.32
CA MET A 393 -14.93 -11.81 -5.60
C MET A 393 -14.49 -13.08 -6.32
N PHE A 394 -13.96 -14.06 -5.58
CA PHE A 394 -13.39 -15.23 -6.23
C PHE A 394 -14.06 -16.53 -5.78
N PRO A 395 -15.39 -16.65 -5.87
CA PRO A 395 -16.03 -17.91 -5.46
C PRO A 395 -15.71 -19.07 -6.38
N HIS A 396 -15.22 -18.81 -7.59
CA HIS A 396 -14.86 -19.92 -8.46
C HIS A 396 -13.70 -20.75 -7.91
N LEU A 397 -12.95 -20.21 -6.94
CA LEU A 397 -11.82 -20.89 -6.33
C LEU A 397 -12.22 -21.65 -5.06
N LYS A 398 -13.51 -21.68 -4.72
CA LYS A 398 -13.92 -22.46 -3.56
C LYS A 398 -13.72 -23.95 -3.79
N LYS A 399 -13.80 -24.40 -5.03
CA LYS A 399 -13.59 -25.80 -5.35
C LYS A 399 -12.53 -25.88 -6.43
N LYS A 400 -11.88 -27.04 -6.51
CA LYS A 400 -10.94 -27.28 -7.59
C LYS A 400 -10.97 -28.76 -7.96
N ALA A 401 -10.49 -29.06 -9.16
CA ALA A 401 -10.21 -30.42 -9.59
C ALA A 401 -8.82 -30.42 -10.21
N VAL A 402 -8.28 -31.61 -10.46
CA VAL A 402 -6.97 -31.73 -11.09
C VAL A 402 -7.05 -32.77 -12.18
N ILE A 403 -6.04 -32.73 -13.06
CA ILE A 403 -5.79 -33.75 -14.07
C ILE A 403 -4.58 -34.56 -13.62
N ASP A 404 -4.70 -35.89 -13.65
CA ASP A 404 -3.62 -36.77 -13.23
C ASP A 404 -2.78 -37.11 -14.46
N PHE A 405 -1.85 -36.21 -14.77
CA PHE A 405 -1.05 -36.38 -15.99
C PHE A 405 -0.18 -37.64 -15.97
N LYS A 406 0.02 -38.26 -14.81
CA LYS A 406 0.72 -39.55 -14.71
C LYS A 406 0.17 -40.58 -15.71
N ILE A 411 -0.60 -38.55 -7.36
CA ILE A 411 -1.57 -37.49 -7.72
C ILE A 411 -1.37 -36.20 -6.91
N TYR A 412 -1.13 -35.10 -7.60
CA TYR A 412 -0.85 -33.82 -6.98
C TYR A 412 -2.12 -32.96 -6.91
N ASP A 413 -2.13 -32.00 -5.98
CA ASP A 413 -3.22 -31.02 -5.88
C ASP A 413 -2.88 -29.66 -6.53
N ASN A 414 -1.69 -29.51 -7.15
CA ASN A 414 -1.25 -28.18 -7.55
C ASN A 414 -0.30 -28.18 -8.75
N ARG A 415 -0.42 -29.18 -9.65
CA ARG A 415 0.32 -29.18 -10.91
C ARG A 415 -0.53 -28.79 -12.11
N ILE A 416 -1.72 -29.36 -12.22
CA ILE A 416 -2.68 -28.99 -13.27
C ILE A 416 -4.02 -28.80 -12.56
N VAL A 417 -4.53 -27.57 -12.52
CA VAL A 417 -5.68 -27.25 -11.68
C VAL A 417 -6.81 -26.69 -12.54
N LEU A 418 -8.04 -27.08 -12.21
CA LEU A 418 -9.24 -26.52 -12.83
C LEU A 418 -10.12 -25.88 -11.76
N ASN A 419 -10.65 -24.69 -12.06
CA ASN A 419 -11.65 -24.04 -11.22
C ASN A 419 -12.81 -23.57 -12.09
N GLY A 420 -14.01 -23.57 -11.50
CA GLY A 420 -15.12 -22.89 -12.16
C GLY A 420 -16.46 -23.02 -11.47
N ILE A 421 -17.35 -22.04 -11.71
CA ILE A 421 -18.73 -22.11 -11.22
C ILE A 421 -19.41 -23.39 -11.68
N ASP A 422 -19.26 -23.72 -12.97
CA ASP A 422 -19.91 -24.87 -13.56
C ASP A 422 -19.02 -26.11 -13.55
N LEU A 423 -17.92 -26.10 -12.78
CA LEU A 423 -16.96 -27.20 -12.82
C LEU A 423 -17.60 -28.52 -12.40
N LYS A 424 -18.39 -28.50 -11.31
CA LYS A 424 -19.09 -29.72 -10.90
C LYS A 424 -20.02 -30.22 -11.99
N ALA A 425 -20.80 -29.32 -12.60
CA ALA A 425 -21.70 -29.72 -13.68
C ALA A 425 -20.92 -30.38 -14.81
N PHE A 426 -19.80 -29.77 -15.21
CA PHE A 426 -18.94 -30.35 -16.23
C PHE A 426 -18.53 -31.79 -15.87
N LEU A 427 -18.12 -32.00 -14.63
CA LEU A 427 -17.60 -33.30 -14.23
C LEU A 427 -18.69 -34.37 -14.15
N ASP A 428 -19.95 -33.97 -13.95
CA ASP A 428 -21.04 -34.92 -13.92
C ASP A 428 -21.12 -35.76 -15.20
N SER A 429 -20.64 -35.22 -16.33
CA SER A 429 -20.75 -35.90 -17.61
C SER A 429 -19.46 -36.64 -18.00
N LEU A 430 -18.42 -36.57 -17.18
CA LEU A 430 -17.20 -37.35 -17.38
C LEU A 430 -17.23 -38.55 -16.43
N PRO A 431 -17.71 -39.71 -16.89
CA PRO A 431 -17.94 -40.83 -15.96
C PRO A 431 -16.68 -41.43 -15.36
N ASP A 432 -15.49 -41.10 -15.86
CA ASP A 432 -14.27 -41.75 -15.40
C ASP A 432 -13.46 -40.90 -14.44
N VAL A 433 -14.03 -39.80 -13.93
CA VAL A 433 -13.37 -39.00 -12.90
C VAL A 433 -13.31 -39.77 -11.58
N LYS A 434 -12.22 -39.61 -10.86
CA LYS A 434 -12.05 -40.19 -9.53
C LYS A 434 -12.16 -39.12 -8.46
N ILE A 435 -12.89 -39.41 -7.39
CA ILE A 435 -12.98 -38.51 -6.25
C ILE A 435 -11.96 -38.94 -5.21
N VAL A 436 -11.01 -38.06 -4.90
CA VAL A 436 -9.97 -38.29 -3.91
C VAL A 436 -10.38 -37.64 -2.60
N LYS A 437 -10.20 -38.37 -1.49
CA LYS A 437 -10.43 -37.83 -0.15
C LYS A 437 -9.15 -37.19 0.39
N MET A 438 -9.28 -36.00 0.97
CA MET A 438 -8.13 -35.29 1.51
C MET A 438 -8.23 -35.10 3.01
N LEU A 454 -13.88 -30.01 0.09
CA LEU A 454 -13.04 -30.90 0.90
C LEU A 454 -12.67 -32.16 0.12
N ASN A 455 -13.46 -32.46 -0.91
CA ASN A 455 -13.15 -33.57 -1.81
C ASN A 455 -12.56 -33.01 -3.09
N MET A 456 -11.59 -33.72 -3.65
CA MET A 456 -10.89 -33.26 -4.85
C MET A 456 -11.13 -34.24 -5.98
N PRO A 457 -11.87 -33.86 -7.03
CA PRO A 457 -12.00 -34.72 -8.20
C PRO A 457 -10.74 -34.73 -9.06
N VAL A 458 -10.48 -35.89 -9.65
CA VAL A 458 -9.25 -36.17 -10.39
C VAL A 458 -9.65 -36.70 -11.76
N ILE A 459 -9.33 -35.93 -12.80
CA ILE A 459 -9.59 -36.33 -14.19
C ILE A 459 -8.41 -37.19 -14.64
N PRO A 460 -8.67 -38.41 -15.11
CA PRO A 460 -7.56 -39.24 -15.61
C PRO A 460 -7.07 -38.73 -16.96
N MET A 461 -5.99 -39.35 -17.44
CA MET A 461 -5.36 -38.93 -18.68
C MET A 461 -6.15 -39.51 -19.87
N ASN A 462 -7.33 -38.94 -20.10
CA ASN A 462 -8.24 -39.39 -21.12
C ASN A 462 -8.27 -38.40 -22.29
N THR A 463 -9.20 -38.62 -23.21
CA THR A 463 -9.36 -37.72 -24.35
C THR A 463 -9.56 -36.27 -23.92
N ILE A 464 -10.45 -36.02 -22.95
CA ILE A 464 -10.69 -34.65 -22.50
C ILE A 464 -9.41 -34.04 -21.93
N ALA A 465 -8.68 -34.80 -21.13
CA ALA A 465 -7.49 -34.24 -20.50
C ALA A 465 -6.44 -33.88 -21.54
N GLU A 466 -6.26 -34.73 -22.56
CA GLU A 466 -5.29 -34.44 -23.60
C GLU A 466 -5.63 -33.15 -24.34
N ALA A 467 -6.92 -32.92 -24.61
CA ALA A 467 -7.33 -31.69 -25.28
C ALA A 467 -7.07 -30.47 -24.41
N VAL A 468 -7.30 -30.59 -23.11
CA VAL A 468 -7.03 -29.48 -22.20
C VAL A 468 -5.53 -29.19 -22.17
N ILE A 469 -4.71 -30.23 -22.02
CA ILE A 469 -3.27 -30.05 -21.97
C ILE A 469 -2.76 -29.52 -23.31
N GLU A 470 -3.33 -29.99 -24.43
CA GLU A 470 -2.94 -29.44 -25.73
C GLU A 470 -3.26 -27.95 -25.84
N MET A 471 -4.44 -27.52 -25.36
CA MET A 471 -4.73 -26.09 -25.32
C MET A 471 -3.62 -25.31 -24.61
N ILE A 472 -3.19 -25.79 -23.44
CA ILE A 472 -2.13 -25.10 -22.70
C ILE A 472 -0.84 -25.06 -23.50
N ASN A 473 -0.44 -26.20 -24.07
CA ASN A 473 0.87 -26.28 -24.74
C ASN A 473 0.92 -25.43 -26.01
N ARG A 474 -0.20 -25.33 -26.72
CA ARG A 474 -0.25 -24.55 -27.95
C ARG A 474 -0.57 -23.08 -27.68
N GLY A 475 -0.81 -22.70 -26.44
CA GLY A 475 -1.23 -21.33 -26.14
C GLY A 475 -2.58 -20.95 -26.72
N GLN A 476 -3.48 -21.91 -26.87
CA GLN A 476 -4.83 -21.56 -27.31
C GLN A 476 -5.57 -20.82 -26.21
N ILE A 477 -6.60 -20.06 -26.59
CA ILE A 477 -7.31 -19.20 -25.65
C ILE A 477 -8.36 -19.98 -24.87
N GLN A 478 -9.23 -20.72 -25.56
CA GLN A 478 -10.19 -21.57 -24.88
C GLN A 478 -10.71 -22.61 -25.87
N ILE A 479 -11.21 -23.71 -25.32
CA ILE A 479 -11.85 -24.76 -26.11
C ILE A 479 -13.23 -24.99 -25.51
N THR A 480 -14.03 -25.78 -26.21
CA THR A 480 -15.39 -26.10 -25.80
C THR A 480 -15.53 -27.61 -25.77
N ILE A 481 -15.96 -28.16 -24.64
CA ILE A 481 -16.12 -29.60 -24.46
C ILE A 481 -17.50 -29.86 -23.87
N ASN A 482 -18.34 -30.62 -24.59
CA ASN A 482 -19.70 -30.91 -24.13
C ASN A 482 -20.48 -29.63 -23.82
N GLY A 483 -20.24 -28.57 -24.59
CA GLY A 483 -20.89 -27.30 -24.39
C GLY A 483 -20.28 -26.40 -23.34
N PHE A 484 -19.28 -26.88 -22.58
CA PHE A 484 -18.64 -26.08 -21.54
C PHE A 484 -17.40 -25.39 -22.09
N SER A 485 -17.30 -24.08 -21.86
CA SER A 485 -16.10 -23.33 -22.20
C SER A 485 -15.00 -23.63 -21.18
N ILE A 486 -13.81 -23.94 -21.69
CA ILE A 486 -12.64 -24.24 -20.86
C ILE A 486 -11.57 -23.24 -21.28
N SER A 487 -11.14 -22.38 -20.34
CA SER A 487 -10.27 -21.25 -20.63
C SER A 487 -8.83 -21.50 -20.19
N ASN A 488 -7.90 -21.04 -21.04
CA ASN A 488 -6.49 -20.94 -20.67
C ASN A 488 -6.34 -19.82 -19.64
N GLY A 489 -5.86 -20.17 -18.44
CA GLY A 489 -5.73 -19.22 -17.36
C GLY A 489 -4.80 -18.06 -17.66
N LEU A 490 -3.96 -18.16 -18.71
CA LEU A 490 -3.13 -17.05 -19.13
C LEU A 490 -3.87 -16.04 -20.03
N ALA A 491 -5.10 -16.33 -20.46
CA ALA A 491 -5.76 -15.48 -21.46
C ALA A 491 -7.01 -14.76 -20.93
N THR A 492 -7.16 -14.63 -19.60
CA THR A 492 -8.41 -14.10 -19.06
C THR A 492 -8.71 -12.69 -19.58
N THR A 493 -7.70 -11.83 -19.78
CA THR A 493 -8.04 -10.49 -20.26
C THR A 493 -8.57 -10.51 -21.69
N GLN A 494 -8.24 -11.53 -22.51
CA GLN A 494 -8.83 -11.63 -23.83
C GLN A 494 -10.22 -12.25 -23.80
N ILE A 495 -10.56 -12.98 -22.75
CA ILE A 495 -11.87 -13.59 -22.64
C ILE A 495 -12.87 -12.65 -21.97
N ASN A 496 -12.52 -12.11 -20.79
CA ASN A 496 -13.42 -11.19 -20.07
C ASN A 496 -12.53 -10.30 -19.20
N ASN A 497 -12.26 -9.08 -19.66
CA ASN A 497 -11.40 -8.19 -18.88
C ASN A 497 -11.94 -7.95 -17.47
N LYS A 498 -13.27 -7.94 -17.31
CA LYS A 498 -13.86 -7.69 -15.99
C LYS A 498 -13.68 -8.90 -15.07
N ALA A 499 -13.56 -10.10 -15.63
CA ALA A 499 -13.21 -11.24 -14.79
C ALA A 499 -11.75 -11.15 -14.32
N ALA A 500 -10.84 -10.69 -15.18
CA ALA A 500 -9.43 -10.60 -14.82
C ALA A 500 -9.19 -9.63 -13.66
N THR A 501 -9.94 -8.54 -13.58
CA THR A 501 -9.75 -7.53 -12.54
C THR A 501 -10.46 -7.86 -11.23
N GLY A 502 -11.31 -8.87 -11.21
CA GLY A 502 -12.12 -9.15 -10.04
C GLY A 502 -13.40 -8.37 -9.97
N GLU A 503 -13.75 -7.62 -11.02
CA GLU A 503 -15.03 -6.92 -11.07
C GLU A 503 -16.20 -7.86 -11.25
N GLU A 504 -15.99 -8.99 -11.94
CA GLU A 504 -17.00 -10.02 -12.16
C GLU A 504 -16.40 -11.38 -11.86
N VAL A 505 -17.25 -12.31 -11.47
CA VAL A 505 -16.82 -13.70 -11.27
C VAL A 505 -16.63 -14.35 -12.64
N PRO A 506 -15.50 -15.00 -12.92
CA PRO A 506 -15.36 -15.69 -14.20
C PRO A 506 -16.50 -16.67 -14.45
N ARG A 507 -16.92 -16.77 -15.71
CA ARG A 507 -17.99 -17.69 -16.04
C ARG A 507 -17.48 -19.05 -16.49
N THR A 508 -16.30 -19.12 -17.11
CA THR A 508 -15.85 -20.37 -17.69
C THR A 508 -15.06 -21.20 -16.67
N ILE A 509 -14.80 -22.45 -17.05
CA ILE A 509 -13.86 -23.30 -16.34
C ILE A 509 -12.45 -22.91 -16.76
N ILE A 510 -11.59 -22.58 -15.79
CA ILE A 510 -10.27 -22.04 -16.04
C ILE A 510 -9.23 -23.12 -15.74
N VAL A 511 -8.18 -23.19 -16.57
CA VAL A 511 -7.10 -24.16 -16.42
C VAL A 511 -5.84 -23.40 -16.02
N THR A 512 -5.21 -23.84 -14.92
CA THR A 512 -4.01 -23.22 -14.37
C THR A 512 -2.99 -24.33 -14.16
N THR A 513 -1.74 -24.14 -14.65
CA THR A 513 -0.75 -25.20 -14.61
C THR A 513 0.64 -24.67 -14.25
N ARG A 514 1.44 -25.54 -13.63
CA ARG A 514 2.82 -25.16 -13.36
C ARG A 514 3.58 -24.92 -14.66
N SER A 515 3.24 -25.64 -15.74
CA SER A 515 3.94 -25.43 -17.01
C SER A 515 3.76 -24.00 -17.53
N GLN A 516 2.58 -23.40 -17.30
CA GLN A 516 2.34 -22.01 -17.70
C GLN A 516 3.37 -21.04 -17.11
N TYR A 517 3.97 -21.37 -15.97
CA TYR A 517 4.91 -20.46 -15.31
C TYR A 517 6.32 -21.03 -15.22
N GLY A 518 6.60 -22.12 -15.93
CA GLY A 518 7.93 -22.69 -15.87
C GLY A 518 8.30 -23.28 -14.53
N LEU A 519 7.27 -23.68 -13.71
CA LEU A 519 7.60 -24.32 -12.44
C LEU A 519 7.77 -25.82 -12.62
N PRO A 520 8.67 -26.45 -11.86
CA PRO A 520 8.91 -27.89 -12.06
C PRO A 520 7.72 -28.72 -11.60
N GLU A 521 7.50 -29.84 -12.29
CA GLU A 521 6.41 -30.77 -11.99
C GLU A 521 6.71 -31.70 -10.82
N ASP A 522 7.97 -31.79 -10.39
CA ASP A 522 8.37 -32.83 -9.47
C ASP A 522 9.15 -32.24 -8.30
N ALA A 523 8.82 -31.02 -7.91
CA ALA A 523 9.57 -30.40 -6.84
C ALA A 523 8.70 -29.40 -6.10
N ILE A 524 9.14 -29.06 -4.88
CA ILE A 524 8.42 -28.13 -4.03
C ILE A 524 8.57 -26.71 -4.55
N VAL A 525 7.44 -25.98 -4.60
CA VAL A 525 7.46 -24.57 -4.97
C VAL A 525 7.16 -23.74 -3.71
N TYR A 526 8.14 -22.94 -3.29
CA TYR A 526 7.95 -21.85 -2.33
C TYR A 526 7.68 -20.56 -3.10
N CYS A 527 6.69 -19.77 -2.68
CA CYS A 527 6.36 -18.55 -3.42
C CYS A 527 6.36 -17.31 -2.52
N ASN A 528 6.64 -16.17 -3.14
CA ASN A 528 6.29 -14.90 -2.53
C ASN A 528 5.96 -13.90 -3.63
N PHE A 529 4.74 -13.34 -3.56
CA PHE A 529 4.22 -12.51 -4.63
C PHE A 529 4.21 -11.03 -4.27
N ASN A 530 5.04 -10.61 -3.30
CA ASN A 530 5.13 -9.21 -2.91
C ASN A 530 6.05 -8.41 -3.83
N GLN A 531 5.94 -7.09 -3.74
CA GLN A 531 6.91 -6.22 -4.38
C GLN A 531 8.30 -6.48 -3.79
N LEU A 532 9.32 -6.47 -4.65
CA LEU A 532 10.67 -6.85 -4.23
C LEU A 532 11.25 -5.91 -3.17
N TYR A 533 10.73 -4.68 -3.04
CA TYR A 533 11.29 -3.83 -2.00
C TYR A 533 11.01 -4.34 -0.58
N LYS A 534 10.10 -5.30 -0.42
CA LYS A 534 9.86 -5.90 0.89
C LYS A 534 10.89 -6.97 1.25
N ILE A 535 11.82 -7.29 0.35
CA ILE A 535 12.90 -8.25 0.60
C ILE A 535 14.16 -7.47 0.97
N ASP A 536 14.88 -7.94 2.01
CA ASP A 536 16.21 -7.44 2.35
C ASP A 536 17.22 -8.59 2.32
N PRO A 537 18.51 -8.32 2.44
CA PRO A 537 19.50 -9.41 2.43
C PRO A 537 19.21 -10.48 3.48
N SER A 538 18.78 -10.05 4.66
CA SER A 538 18.50 -10.99 5.74
C SER A 538 17.40 -11.96 5.36
N THR A 539 16.38 -11.47 4.61
CA THR A 539 15.28 -12.35 4.20
C THR A 539 15.75 -13.37 3.17
N LEU A 540 16.51 -12.91 2.16
CA LEU A 540 16.97 -13.82 1.12
C LEU A 540 17.92 -14.87 1.68
N GLN A 541 18.77 -14.48 2.63
CA GLN A 541 19.62 -15.46 3.29
C GLN A 541 18.76 -16.54 3.96
N MET A 542 17.69 -16.11 4.64
CA MET A 542 16.83 -17.07 5.30
C MET A 542 16.14 -17.97 4.28
N TRP A 543 15.76 -17.43 3.12
CA TRP A 543 15.17 -18.26 2.08
C TRP A 543 16.19 -19.24 1.50
N ALA A 544 17.43 -18.76 1.33
CA ALA A 544 18.50 -19.62 0.85
C ALA A 544 18.77 -20.78 1.80
N ASN A 545 18.75 -20.51 3.11
CA ASN A 545 18.94 -21.59 4.09
C ASN A 545 17.89 -22.67 3.90
N ILE A 546 16.66 -22.26 3.56
CA ILE A 546 15.55 -23.21 3.40
C ILE A 546 15.74 -24.05 2.15
N LEU A 547 15.97 -23.40 1.01
CA LEU A 547 16.14 -24.13 -0.24
C LEU A 547 17.31 -25.10 -0.17
N LYS A 548 18.39 -24.73 0.53
CA LYS A 548 19.54 -25.61 0.62
C LYS A 548 19.20 -26.91 1.36
N ARG A 549 18.20 -26.88 2.24
CA ARG A 549 17.80 -28.05 3.01
C ARG A 549 16.69 -28.86 2.35
N VAL A 550 16.02 -28.35 1.31
CA VAL A 550 14.98 -29.08 0.61
C VAL A 550 15.43 -29.29 -0.83
N PRO A 551 15.99 -30.45 -1.16
CA PRO A 551 16.58 -30.64 -2.50
C PRO A 551 15.55 -30.46 -3.60
N ASN A 552 15.96 -29.78 -4.67
CA ASN A 552 15.14 -29.64 -5.87
C ASN A 552 14.07 -28.55 -5.75
N SER A 553 13.75 -28.12 -4.53
CA SER A 553 12.75 -27.08 -4.36
C SER A 553 13.21 -25.80 -5.04
N VAL A 554 12.24 -24.94 -5.40
CA VAL A 554 12.50 -23.67 -6.04
C VAL A 554 11.73 -22.57 -5.32
N LEU A 555 12.16 -21.34 -5.56
CA LEU A 555 11.53 -20.14 -5.05
C LEU A 555 10.91 -19.38 -6.22
N TRP A 556 9.65 -18.99 -6.06
CA TRP A 556 8.86 -18.38 -7.12
C TRP A 556 8.58 -16.95 -6.67
N LEU A 557 9.13 -15.98 -7.42
CA LEU A 557 9.04 -14.55 -7.15
C LEU A 557 8.48 -13.83 -8.37
N LEU A 558 8.13 -12.55 -8.21
CA LEU A 558 7.61 -11.74 -9.30
C LEU A 558 8.58 -10.64 -9.75
N ARG A 559 8.54 -10.34 -11.06
CA ARG A 559 9.27 -9.23 -11.67
C ARG A 559 8.62 -7.92 -11.29
N PHE A 560 9.01 -7.38 -10.15
CA PHE A 560 8.20 -6.40 -9.49
C PHE A 560 9.09 -5.36 -8.80
N PRO A 561 9.93 -4.66 -9.59
CA PRO A 561 10.02 -4.70 -11.06
C PRO A 561 11.02 -5.68 -11.67
N ALA A 562 10.97 -5.79 -13.00
CA ALA A 562 11.81 -6.73 -13.70
C ALA A 562 13.29 -6.45 -13.44
N VAL A 563 13.69 -5.18 -13.45
CA VAL A 563 15.10 -4.84 -13.29
C VAL A 563 15.66 -5.28 -11.95
N GLY A 564 14.80 -5.73 -11.01
CA GLY A 564 15.35 -6.29 -9.78
C GLY A 564 15.80 -7.75 -9.89
N GLU A 565 15.43 -8.43 -10.98
CA GLU A 565 15.71 -9.86 -11.10
C GLU A 565 17.19 -10.18 -11.10
N PRO A 566 18.05 -9.52 -11.90
CA PRO A 566 19.48 -9.85 -11.85
C PRO A 566 20.11 -9.58 -10.50
N ASN A 567 19.59 -8.61 -9.75
CA ASN A 567 20.17 -8.34 -8.44
C ASN A 567 19.89 -9.52 -7.51
N ILE A 568 18.63 -10.00 -7.48
CA ILE A 568 18.27 -11.13 -6.62
CA ILE A 568 18.29 -11.12 -6.61
C ILE A 568 19.05 -12.38 -7.03
N GLN A 569 19.11 -12.66 -8.34
CA GLN A 569 19.85 -13.84 -8.80
C GLN A 569 21.32 -13.78 -8.38
N GLN A 570 21.94 -12.61 -8.47
CA GLN A 570 23.35 -12.49 -8.11
C GLN A 570 23.57 -12.71 -6.61
N TYR A 571 22.71 -12.11 -5.77
CA TYR A 571 22.85 -12.27 -4.32
C TYR A 571 22.56 -13.71 -3.92
N ALA A 572 21.54 -14.30 -4.54
CA ALA A 572 21.25 -15.70 -4.25
C ALA A 572 22.46 -16.57 -4.56
N GLN A 573 23.11 -16.34 -5.69
CA GLN A 573 24.25 -17.16 -6.08
C GLN A 573 25.42 -16.99 -5.10
N ASN A 574 25.65 -15.76 -4.62
CA ASN A 574 26.68 -15.54 -3.59
C ASN A 574 26.34 -16.27 -2.30
N MET A 575 25.08 -16.57 -2.06
CA MET A 575 24.65 -17.34 -0.89
C MET A 575 24.67 -18.84 -1.15
N GLY A 576 25.23 -19.29 -2.28
CA GLY A 576 25.32 -20.70 -2.59
C GLY A 576 24.13 -21.30 -3.29
N LEU A 577 23.33 -20.51 -4.00
CA LEU A 577 22.12 -20.99 -4.68
C LEU A 577 22.23 -20.80 -6.18
N PRO A 578 22.35 -21.88 -6.97
CA PRO A 578 22.34 -21.73 -8.43
C PRO A 578 21.14 -20.94 -8.96
N GLN A 579 21.31 -20.34 -10.14
CA GLN A 579 20.30 -19.42 -10.68
C GLN A 579 18.99 -20.14 -10.99
N ASN A 580 19.06 -21.43 -11.38
CA ASN A 580 17.88 -22.22 -11.71
C ASN A 580 17.02 -22.56 -10.49
N ARG A 581 17.39 -22.11 -9.30
CA ARG A 581 16.57 -22.33 -8.13
C ARG A 581 15.52 -21.23 -7.91
N ILE A 582 15.61 -20.09 -8.60
CA ILE A 582 14.66 -18.98 -8.44
C ILE A 582 14.02 -18.71 -9.79
N ILE A 583 12.68 -18.76 -9.82
CA ILE A 583 11.88 -18.61 -11.04
C ILE A 583 11.05 -17.36 -10.87
N PHE A 584 11.15 -16.44 -11.83
CA PHE A 584 10.38 -15.20 -11.81
C PHE A 584 9.25 -15.26 -12.82
N SER A 585 8.08 -14.77 -12.43
CA SER A 585 6.96 -14.57 -13.34
C SER A 585 6.60 -13.09 -13.42
N PRO A 586 5.90 -12.67 -14.46
CA PRO A 586 5.42 -11.28 -14.49
C PRO A 586 4.25 -11.09 -13.53
N VAL A 587 4.11 -9.83 -13.11
CA VAL A 587 2.91 -9.38 -12.42
C VAL A 587 1.68 -9.70 -13.28
N ALA A 588 0.61 -10.14 -12.63
CA ALA A 588 -0.58 -10.62 -13.34
C ALA A 588 -1.81 -9.82 -12.95
N PRO A 589 -2.87 -9.86 -13.77
CA PRO A 589 -4.15 -9.29 -13.33
C PRO A 589 -4.59 -9.93 -12.02
N LYS A 590 -5.45 -9.20 -11.30
CA LYS A 590 -5.82 -9.60 -9.94
C LYS A 590 -6.28 -11.06 -9.87
N GLU A 591 -7.20 -11.46 -10.75
CA GLU A 591 -7.80 -12.79 -10.60
C GLU A 591 -6.77 -13.90 -10.87
N GLU A 592 -5.95 -13.73 -11.91
CA GLU A 592 -4.88 -14.70 -12.18
C GLU A 592 -3.88 -14.77 -11.03
N HIS A 593 -3.58 -13.61 -10.43
CA HIS A 593 -2.62 -13.60 -9.31
C HIS A 593 -3.12 -14.42 -8.13
N VAL A 594 -4.42 -14.32 -7.81
CA VAL A 594 -4.95 -15.12 -6.72
C VAL A 594 -5.08 -16.58 -7.15
N ARG A 595 -5.56 -16.83 -8.37
CA ARG A 595 -5.75 -18.21 -8.83
C ARG A 595 -4.43 -18.97 -8.90
N ARG A 596 -3.37 -18.35 -9.44
CA ARG A 596 -2.12 -19.10 -9.58
C ARG A 596 -1.42 -19.37 -8.24
N GLY A 597 -1.82 -18.71 -7.14
CA GLY A 597 -1.37 -19.14 -5.83
C GLY A 597 -1.63 -20.62 -5.55
N GLN A 598 -2.63 -21.21 -6.24
CA GLN A 598 -2.89 -22.65 -6.06
C GLN A 598 -1.76 -23.54 -6.57
N LEU A 599 -0.84 -23.01 -7.38
CA LEU A 599 0.25 -23.84 -7.90
C LEU A 599 1.40 -23.99 -6.90
N ALA A 600 1.47 -23.14 -5.90
CA ALA A 600 2.56 -23.24 -4.94
C ALA A 600 2.25 -24.29 -3.87
N ASP A 601 3.31 -24.86 -3.28
CA ASP A 601 3.13 -25.66 -2.09
C ASP A 601 3.07 -24.79 -0.83
N VAL A 602 3.93 -23.79 -0.76
CA VAL A 602 4.11 -23.01 0.46
C VAL A 602 4.45 -21.58 0.05
N CYS A 603 3.90 -20.62 0.79
CA CYS A 603 4.28 -19.21 0.71
C CYS A 603 5.22 -18.83 1.85
N LEU A 604 6.34 -18.19 1.51
CA LEU A 604 7.29 -17.68 2.52
C LEU A 604 7.05 -16.18 2.68
N ASP A 605 6.53 -15.78 3.83
CA ASP A 605 6.19 -14.38 4.07
C ASP A 605 7.46 -13.56 4.30
N THR A 606 7.41 -12.29 3.92
CA THR A 606 8.53 -11.38 4.12
C THR A 606 8.50 -10.81 5.54
N PRO A 607 9.49 -11.10 6.39
CA PRO A 607 9.44 -10.60 7.76
C PRO A 607 9.59 -9.08 7.87
N LEU A 608 10.32 -8.45 6.95
CA LEU A 608 10.57 -7.03 7.07
C LEU A 608 9.26 -6.25 7.05
N CYS A 609 8.44 -6.51 6.04
CA CYS A 609 7.08 -6.02 5.94
C CYS A 609 6.28 -7.14 5.32
N ASN A 610 5.32 -7.69 6.07
CA ASN A 610 4.64 -8.89 5.58
C ASN A 610 3.85 -8.58 4.31
N GLY A 611 3.47 -9.63 3.60
CA GLY A 611 2.37 -9.48 2.67
C GLY A 611 1.10 -9.19 3.45
N HIS A 612 0.30 -8.26 2.95
CA HIS A 612 -0.91 -7.89 3.65
C HIS A 612 -2.11 -8.35 2.82
N THR A 613 -2.46 -7.59 1.77
CA THR A 613 -3.37 -8.13 0.77
C THR A 613 -2.90 -9.49 0.27
N THR A 614 -1.60 -9.62 -0.04
CA THR A 614 -1.11 -10.87 -0.62
C THR A 614 -1.17 -12.04 0.36
N GLY A 615 -1.12 -11.78 1.67
CA GLY A 615 -1.35 -12.84 2.63
C GLY A 615 -2.77 -13.38 2.54
N MET A 616 -3.76 -12.49 2.50
CA MET A 616 -5.12 -12.93 2.25
C MET A 616 -5.21 -13.71 0.94
N ASP A 617 -4.56 -13.22 -0.12
CA ASP A 617 -4.69 -13.84 -1.44
C ASP A 617 -4.21 -15.29 -1.41
N VAL A 618 -3.05 -15.53 -0.80
CA VAL A 618 -2.43 -16.84 -0.86
C VAL A 618 -3.20 -17.83 0.01
N LEU A 619 -3.73 -17.38 1.15
CA LEU A 619 -4.54 -18.26 2.00
C LEU A 619 -5.87 -18.61 1.33
N TRP A 620 -6.45 -17.68 0.56
CA TRP A 620 -7.68 -18.02 -0.15
C TRP A 620 -7.45 -19.13 -1.17
N ALA A 621 -6.25 -19.20 -1.73
CA ALA A 621 -5.91 -20.30 -2.61
C ALA A 621 -5.62 -21.61 -1.87
N GLY A 622 -5.61 -21.58 -0.53
CA GLY A 622 -5.30 -22.77 0.24
C GLY A 622 -3.81 -23.02 0.44
N THR A 623 -2.97 -22.03 0.23
CA THR A 623 -1.53 -22.21 0.31
C THR A 623 -1.05 -21.81 1.69
N PRO A 624 -0.48 -22.74 2.48
CA PRO A 624 0.07 -22.35 3.79
C PRO A 624 1.14 -21.26 3.66
N MET A 625 1.09 -20.29 4.58
CA MET A 625 2.03 -19.18 4.62
C MET A 625 2.82 -19.24 5.93
N VAL A 626 4.15 -19.22 5.81
CA VAL A 626 5.06 -19.24 6.95
C VAL A 626 5.49 -17.80 7.22
N THR A 627 5.45 -17.37 8.48
CA THR A 627 5.71 -15.97 8.81
C THR A 627 6.42 -15.88 10.15
N MET A 628 7.18 -14.80 10.33
CA MET A 628 7.85 -14.50 11.59
C MET A 628 7.48 -13.08 12.00
N PRO A 629 6.47 -12.91 12.86
CA PRO A 629 6.04 -11.58 13.25
C PRO A 629 7.16 -10.82 13.95
N GLY A 630 7.33 -9.56 13.56
CA GLY A 630 8.33 -8.64 14.10
C GLY A 630 7.74 -7.75 15.17
N GLU A 631 8.14 -6.48 15.18
CA GLU A 631 7.65 -5.50 16.14
C GLU A 631 6.71 -4.46 15.52
N THR A 632 7.00 -3.99 14.31
CA THR A 632 6.13 -3.02 13.67
C THR A 632 4.78 -3.65 13.33
N LEU A 633 3.74 -2.81 13.24
CA LEU A 633 2.45 -3.29 12.75
C LEU A 633 2.61 -4.02 11.41
N ALA A 634 3.39 -3.44 10.48
CA ALA A 634 3.50 -4.03 9.15
C ALA A 634 4.17 -5.41 9.17
N SER A 635 4.97 -5.71 10.19
CA SER A 635 5.66 -7.00 10.30
C SER A 635 4.84 -8.07 11.03
N ARG A 636 3.64 -7.75 11.54
CA ARG A 636 2.88 -8.71 12.34
C ARG A 636 1.53 -9.02 11.75
N VAL A 637 1.18 -8.44 10.60
CA VAL A 637 -0.15 -8.65 10.02
C VAL A 637 -0.36 -10.12 9.64
N ALA A 638 0.62 -10.73 8.95
CA ALA A 638 0.44 -12.11 8.48
C ALA A 638 0.18 -13.06 9.62
N ALA A 639 0.87 -12.89 10.74
CA ALA A 639 0.64 -13.75 11.90
C ALA A 639 -0.75 -13.51 12.48
N SER A 640 -1.22 -12.25 12.45
CA SER A 640 -2.59 -11.98 12.85
C SER A 640 -3.56 -12.73 11.96
N GLN A 641 -3.31 -12.74 10.64
CA GLN A 641 -4.17 -13.47 9.72
C GLN A 641 -4.16 -14.96 10.03
N LEU A 642 -2.96 -15.52 10.28
CA LEU A 642 -2.84 -16.96 10.50
C LEU A 642 -3.47 -17.36 11.83
N THR A 643 -3.43 -16.49 12.84
CA THR A 643 -4.11 -16.77 14.11
C THR A 643 -5.62 -16.82 13.92
N CYS A 644 -6.19 -15.82 13.23
CA CYS A 644 -7.62 -15.85 12.95
C CYS A 644 -7.98 -17.09 12.13
N LEU A 645 -7.15 -17.43 11.14
CA LEU A 645 -7.36 -18.64 10.33
C LEU A 645 -7.39 -19.90 11.19
N GLY A 646 -6.56 -19.95 12.23
CA GLY A 646 -6.44 -21.13 13.07
C GLY A 646 -5.28 -22.04 12.73
N CYS A 647 -4.16 -21.50 12.23
CA CYS A 647 -2.95 -22.27 11.90
C CYS A 647 -1.77 -21.68 12.66
N LEU A 648 -1.79 -21.85 13.97
CA LEU A 648 -0.69 -21.35 14.81
C LEU A 648 0.63 -22.03 14.49
N GLU A 649 0.62 -23.23 13.91
CA GLU A 649 1.87 -23.92 13.59
C GLU A 649 2.63 -23.27 12.44
N LEU A 650 2.02 -22.31 11.75
CA LEU A 650 2.70 -21.59 10.68
C LEU A 650 3.38 -20.30 11.15
N ILE A 651 3.37 -19.99 12.44
CA ILE A 651 3.87 -18.72 12.98
C ILE A 651 5.15 -18.98 13.77
N ALA A 652 6.26 -18.40 13.30
CA ALA A 652 7.57 -18.65 13.87
C ALA A 652 7.95 -17.61 14.92
N LYS A 653 8.56 -18.07 16.01
CA LYS A 653 9.05 -17.19 17.06
C LYS A 653 10.42 -16.60 16.76
N ASN A 654 11.16 -17.17 15.81
CA ASN A 654 12.50 -16.70 15.47
C ASN A 654 12.86 -17.28 14.09
N ARG A 655 14.05 -16.92 13.60
CA ARG A 655 14.45 -17.31 12.25
C ARG A 655 14.66 -18.82 12.13
N GLN A 656 15.21 -19.46 13.16
CA GLN A 656 15.37 -20.90 13.12
C GLN A 656 14.04 -21.61 12.95
N GLU A 657 13.04 -21.21 13.74
CA GLU A 657 11.72 -21.80 13.64
C GLU A 657 11.11 -21.55 12.26
N TYR A 658 11.32 -20.36 11.69
CA TYR A 658 10.77 -20.07 10.36
C TYR A 658 11.34 -21.03 9.32
N GLU A 659 12.65 -21.23 9.33
CA GLU A 659 13.29 -22.16 8.42
C GLU A 659 12.82 -23.59 8.67
N ASP A 660 12.83 -24.01 9.93
CA ASP A 660 12.43 -25.39 10.24
C ASP A 660 11.01 -25.67 9.78
N ILE A 661 10.07 -24.75 10.06
CA ILE A 661 8.69 -24.95 9.62
C ILE A 661 8.64 -25.12 8.11
N ALA A 662 9.31 -24.23 7.38
CA ALA A 662 9.28 -24.27 5.92
C ALA A 662 9.95 -25.53 5.38
N VAL A 663 11.06 -25.96 5.99
CA VAL A 663 11.73 -27.18 5.53
C VAL A 663 10.87 -28.41 5.81
N LYS A 664 10.26 -28.47 7.01
CA LYS A 664 9.37 -29.59 7.32
C LYS A 664 8.22 -29.70 6.32
N LEU A 665 7.64 -28.56 5.92
CA LEU A 665 6.56 -28.58 4.92
C LEU A 665 7.07 -29.06 3.57
N GLY A 666 8.32 -28.76 3.23
CA GLY A 666 8.85 -29.17 1.94
C GLY A 666 9.43 -30.56 1.89
N THR A 667 9.62 -31.21 3.04
CA THR A 667 10.23 -32.53 3.09
C THR A 667 9.33 -33.63 3.65
N ASP A 668 8.41 -33.30 4.54
CA ASP A 668 7.42 -34.25 5.06
C ASP A 668 6.13 -34.05 4.28
N LEU A 669 5.92 -34.87 3.24
CA LEU A 669 4.83 -34.62 2.32
C LEU A 669 3.47 -34.95 2.92
N GLU A 670 3.41 -35.89 3.88
CA GLU A 670 2.17 -36.14 4.59
C GLU A 670 1.78 -34.95 5.47
N TYR A 671 2.77 -34.36 6.16
CA TYR A 671 2.51 -33.15 6.93
C TYR A 671 2.06 -32.02 6.02
N LEU A 672 2.69 -31.86 4.84
CA LEU A 672 2.28 -30.80 3.92
C LEU A 672 0.82 -30.97 3.50
N LYS A 673 0.41 -32.21 3.23
CA LYS A 673 -0.98 -32.48 2.88
C LYS A 673 -1.91 -32.12 4.02
N LYS A 674 -1.55 -32.52 5.25
CA LYS A 674 -2.29 -32.10 6.45
C LYS A 674 -2.43 -30.58 6.53
N VAL A 675 -1.33 -29.84 6.47
CA VAL A 675 -1.43 -28.39 6.65
C VAL A 675 -2.17 -27.72 5.49
N ARG A 676 -1.90 -28.15 4.24
CA ARG A 676 -2.67 -27.57 3.14
C ARG A 676 -4.16 -27.84 3.33
N GLY A 677 -4.51 -29.03 3.83
CA GLY A 677 -5.90 -29.34 4.10
C GLY A 677 -6.53 -28.41 5.13
N LYS A 678 -5.77 -28.05 6.17
CA LYS A 678 -6.27 -27.09 7.15
C LYS A 678 -6.62 -25.75 6.50
N VAL A 679 -5.68 -25.17 5.75
CA VAL A 679 -5.90 -23.87 5.12
C VAL A 679 -7.11 -23.94 4.18
N TRP A 680 -7.14 -24.96 3.31
CA TRP A 680 -8.24 -25.14 2.36
C TRP A 680 -9.60 -25.14 3.06
N LYS A 681 -9.67 -25.80 4.22
CA LYS A 681 -10.93 -25.87 4.95
C LYS A 681 -11.17 -24.63 5.80
N GLN A 682 -10.15 -24.15 6.50
CA GLN A 682 -10.39 -23.08 7.46
C GLN A 682 -10.57 -21.71 6.80
N ARG A 683 -10.15 -21.53 5.55
CA ARG A 683 -10.48 -20.27 4.89
C ARG A 683 -11.99 -20.07 4.83
N ILE A 684 -12.76 -21.16 4.90
CA ILE A 684 -14.21 -21.08 4.89
C ILE A 684 -14.77 -21.03 6.30
N SER A 685 -14.28 -21.90 7.19
CA SER A 685 -14.89 -22.07 8.51
C SER A 685 -14.43 -21.05 9.54
N SER A 686 -13.24 -20.46 9.37
CA SER A 686 -12.75 -19.47 10.32
C SER A 686 -13.36 -18.09 10.03
N PRO A 687 -13.09 -17.10 10.88
CA PRO A 687 -13.59 -15.74 10.59
C PRO A 687 -12.84 -14.99 9.51
N LEU A 688 -11.73 -15.51 8.98
CA LEU A 688 -10.80 -14.65 8.25
C LEU A 688 -11.48 -13.96 7.06
N PHE A 689 -12.27 -14.70 6.27
CA PHE A 689 -12.86 -14.13 5.06
C PHE A 689 -14.35 -13.85 5.21
N ASN A 690 -14.86 -13.84 6.44
CA ASN A 690 -16.29 -13.70 6.70
C ASN A 690 -16.60 -12.22 6.91
N THR A 691 -17.05 -11.55 5.84
CA THR A 691 -17.31 -10.12 5.90
C THR A 691 -18.52 -9.78 6.77
N LYS A 692 -19.51 -10.68 6.86
CA LYS A 692 -20.68 -10.41 7.69
C LYS A 692 -20.31 -10.39 9.16
N GLN A 693 -19.61 -11.43 9.63
CA GLN A 693 -19.13 -11.44 11.02
C GLN A 693 -18.18 -10.27 11.27
N TYR A 694 -17.31 -9.97 10.32
CA TYR A 694 -16.41 -8.83 10.50
C TYR A 694 -17.22 -7.56 10.74
N THR A 695 -18.21 -7.30 9.89
CA THR A 695 -18.98 -6.06 10.01
C THR A 695 -19.73 -6.00 11.34
N MET A 696 -20.23 -7.14 11.82
CA MET A 696 -20.92 -7.14 13.11
C MET A 696 -19.97 -6.79 14.25
N GLU A 697 -18.75 -7.36 14.22
CA GLU A 697 -17.78 -7.06 15.28
C GLU A 697 -17.25 -5.64 15.16
N LEU A 698 -17.06 -5.16 13.93
CA LEU A 698 -16.73 -3.76 13.71
C LEU A 698 -17.78 -2.85 14.35
N GLU A 699 -19.06 -3.17 14.14
CA GLU A 699 -20.14 -2.39 14.73
C GLU A 699 -20.06 -2.38 16.25
N ARG A 700 -19.80 -3.54 16.88
CA ARG A 700 -19.68 -3.56 18.34
C ARG A 700 -18.54 -2.67 18.80
N LEU A 701 -17.46 -2.58 18.02
CA LEU A 701 -16.35 -1.71 18.39
C LEU A 701 -16.75 -0.23 18.26
N TYR A 702 -17.42 0.13 17.16
CA TYR A 702 -17.90 1.51 17.02
C TYR A 702 -18.78 1.92 18.20
N LEU A 703 -19.62 1.01 18.67
CA LEU A 703 -20.52 1.36 19.77
C LEU A 703 -19.77 1.51 21.09
N GLN A 704 -18.69 0.76 21.30
CA GLN A 704 -17.87 1.01 22.48
C GLN A 704 -17.25 2.39 22.40
N MET A 705 -16.73 2.77 21.23
CA MET A 705 -16.18 4.10 21.05
C MET A 705 -17.23 5.17 21.35
N TRP A 706 -18.41 5.03 20.74
CA TRP A 706 -19.42 6.07 20.89
C TRP A 706 -19.84 6.23 22.35
N GLU A 707 -20.15 5.11 23.02
CA GLU A 707 -20.57 5.19 24.42
C GLU A 707 -19.50 5.83 25.29
N HIS A 708 -18.23 5.43 25.09
CA HIS A 708 -17.12 6.06 25.80
C HIS A 708 -17.14 7.57 25.64
N TYR A 709 -17.22 8.06 24.40
CA TYR A 709 -17.32 9.50 24.17
C TYR A 709 -18.59 10.08 24.79
N ALA A 710 -19.73 9.42 24.58
CA ALA A 710 -21.00 9.95 25.07
C ALA A 710 -20.99 10.11 26.59
N ALA A 711 -20.20 9.31 27.30
CA ALA A 711 -20.09 9.48 28.75
C ALA A 711 -19.12 10.59 29.13
N GLY A 712 -18.57 11.31 28.16
CA GLY A 712 -17.74 12.46 28.45
C GLY A 712 -16.28 12.15 28.66
N ASN A 713 -15.76 11.07 28.08
CA ASN A 713 -14.38 10.67 28.25
C ASN A 713 -13.57 10.91 26.98
N LYS A 714 -12.33 11.34 27.17
CA LYS A 714 -11.38 11.34 26.08
C LYS A 714 -11.09 9.90 25.66
N PRO A 715 -10.58 9.71 24.46
CA PRO A 715 -10.30 8.34 24.00
C PRO A 715 -9.35 7.60 24.94
N ASP A 716 -9.65 6.32 25.16
CA ASP A 716 -8.74 5.41 25.84
C ASP A 716 -8.74 4.09 25.08
N HIS A 717 -7.78 3.22 25.39
CA HIS A 717 -7.70 1.94 24.68
C HIS A 717 -9.01 1.17 24.81
N MET A 718 -9.43 0.56 23.71
CA MET A 718 -10.62 -0.28 23.66
C MET A 718 -10.15 -1.70 23.37
N ILE A 719 -9.68 -2.38 24.40
CA ILE A 719 -9.18 -3.73 24.28
C ILE A 719 -10.13 -4.73 24.93
N LYS A 720 -11.37 -4.29 25.19
CA LYS A 720 -12.41 -5.15 25.73
C LYS A 720 -11.94 -5.88 26.98
N THR B 1 0.67 3.93 -4.53
CA THR B 1 2.02 4.39 -4.17
C THR B 1 2.12 5.92 -4.27
N HIS B 2 2.51 6.56 -3.16
CA HIS B 2 2.52 8.02 -3.09
C HIS B 2 3.57 8.61 -4.01
N GLU B 3 3.34 9.87 -4.41
CA GLU B 3 4.32 10.61 -5.18
C GLU B 3 5.54 10.92 -4.31
N THR B 4 6.72 10.79 -4.89
CA THR B 4 7.95 11.12 -4.18
C THR B 4 8.03 12.62 -3.91
N GLY B 5 8.35 12.99 -2.67
CA GLY B 5 8.53 14.41 -2.34
C GLY B 5 9.69 15.04 -3.10
N THR B 6 9.67 16.37 -3.15
CA THR B 6 10.68 17.17 -3.87
C THR B 6 11.33 18.14 -2.90
N THR B 7 12.34 18.85 -3.39
CA THR B 7 13.08 19.80 -2.56
C THR B 7 12.92 21.21 -3.13
N ASN B 8 12.27 22.08 -2.37
CA ASN B 8 12.21 23.50 -2.75
C ASN B 8 13.55 24.16 -2.45
N THR B 9 13.98 25.07 -3.31
CA THR B 9 15.21 25.82 -3.12
C THR B 9 14.87 27.22 -2.59
N ALA B 10 15.51 27.63 -1.50
CA ALA B 10 15.39 28.99 -0.99
C ALA B 10 16.52 29.85 -1.56
N THR B 11 16.16 31.01 -2.13
CA THR B 11 17.12 31.88 -2.80
C THR B 11 17.56 32.98 -1.81
N THR B 12 18.87 33.13 -1.64
CA THR B 12 19.42 34.18 -0.79
C THR B 12 19.55 35.45 -1.61
N ALA B 13 18.99 36.55 -1.10
CA ALA B 13 19.12 37.85 -1.74
C ALA B 13 20.47 38.47 -1.40
N THR B 14 21.18 38.94 -2.43
CA THR B 14 22.42 39.68 -2.24
C THR B 14 22.52 40.86 -3.21
N12 J9S C . -2.56 -4.03 -5.83
C13 J9S C . -2.30 -3.30 -7.12
C17 J9S C . 1.99 -1.99 -9.49
C20 J9S C . -0.96 -2.94 -10.09
C21 J9S C . -1.58 -4.13 -10.92
C22 J9S C . -1.01 -5.12 -11.72
C24 J9S C . -3.24 -5.81 -12.01
C28 J9S C . -3.87 -1.34 -7.93
O01 J9S C . 1.01 -10.88 -10.03
C02 J9S C . 0.49 -10.12 -9.23
N03 J9S C . -0.62 -9.36 -9.66
C04 J9S C . -1.31 -8.45 -8.79
C05 J9S C . -0.87 -8.30 -7.45
C06 J9S C . 0.30 -9.08 -6.97
C07 J9S C . 0.94 -9.96 -7.83
C08 J9S C . -1.60 -7.36 -6.60
C09 J9S C . -2.71 -6.61 -7.01
S10 J9S C . -3.60 -5.36 -5.87
O11 J9S C . -4.75 -5.01 -6.61
C14 J9S C . -0.71 -3.44 -7.55
N15 J9S C . -0.16 -3.28 -8.80
C16 J9S C . 1.30 -3.41 -9.03
O18 J9S C . 1.87 -1.04 -8.67
O19 J9S C . 2.58 -1.92 -10.60
C23 J9S C . -1.94 -6.04 -12.32
S25 J9S C . -3.32 -4.41 -10.97
O26 J9S C . -0.05 -3.72 -6.50
C27 J9S C . -2.79 -1.80 -7.11
O29 J9S C . -4.47 -2.33 -8.73
C30 J9S C . -5.65 -2.07 -9.54
C31 J9S C . -4.29 0.00 -7.90
C32 J9S C . -3.65 0.94 -7.07
C33 J9S C . -2.58 0.53 -6.25
C34 J9S C . -2.15 -0.83 -6.28
O35 J9S C . -3.85 -5.96 -4.63
C36 J9S C . -3.10 -6.77 -8.38
C37 J9S C . -2.43 -7.68 -9.24
H121 J9S C . -2.46 -3.48 -5.17
H131 J9S C . -2.71 -3.76 -7.87
H202 J9S C . -1.68 -2.33 -9.89
H201 J9S C . -0.39 -2.38 -10.65
H221 J9S C . -0.11 -5.23 -11.89
H241 J9S C . -4.03 -6.24 -12.26
H031 J9S C . -0.87 -9.47 -10.48
H061 J9S C . 0.60 -9.00 -6.10
H071 J9S C . 1.68 -10.48 -7.60
H081 J9S C . -1.32 -7.24 -5.72
H162 J9S C . 1.46 -4.12 -9.68
H161 J9S C . 1.77 -3.75 -8.26
H231 J9S C . -1.66 -6.74 -12.87
H303 J9S C . -6.23 -2.83 -9.67
H302 J9S C . -5.39 -1.78 -10.43
H301 J9S C . -6.21 -1.40 -9.13
H311 J9S C . -5.00 0.26 -8.43
H321 J9S C . -3.93 1.83 -7.06
H331 J9S C . -2.16 1.16 -5.71
H341 J9S C . -1.45 -1.05 -5.72
H361 J9S C . -3.83 -6.30 -8.69
H371 J9S C . -2.74 -7.77 -10.12
#